data_6AWW
#
_entry.id   6AWW
#
_cell.length_a   44.567
_cell.length_b   130.513
_cell.length_c   140.883
_cell.angle_alpha   90.00
_cell.angle_beta   90.00
_cell.angle_gamma   90.00
#
_symmetry.space_group_name_H-M   'P 21 21 21'
#
loop_
_entity.id
_entity.type
_entity.pdbx_description
1 polymer 'Ara h 8 allergen'
2 non-polymer 'SODIUM ION'
3 non-polymer '3-hydroxynaphthalene-2-carboxylic acid'
4 water water
#
_entity_poly.entity_id   1
_entity_poly.type   'polypeptide(L)'
_entity_poly.pdbx_seq_one_letter_code
;GVFTFEDEITSTVPPAKLYNAMKDADSITPKIIDDVKSVEIVEGNGGPGTIKKLTIVEDGETKFILHKVESIDEANYAYN
YSVVGGVALPPTAEKITFETKLVEGPNGGSIGKLTLKYHTKGDAKPDEEELKKGKAKGEGLFRAIEGYVLANPTQY
;
_entity_poly.pdbx_strand_id   A,B,C,D,E
#
# COMPACT_ATOMS: atom_id res chain seq x y z
N GLY A 1 -27.80 -27.59 -30.44
CA GLY A 1 -26.45 -28.17 -30.24
C GLY A 1 -25.55 -27.19 -29.49
N VAL A 2 -24.25 -27.44 -29.61
CA VAL A 2 -23.25 -26.67 -28.87
C VAL A 2 -22.16 -26.18 -29.75
N PHE A 3 -21.84 -24.91 -29.60
CA PHE A 3 -20.70 -24.31 -30.30
C PHE A 3 -19.64 -24.03 -29.26
N THR A 4 -18.41 -24.40 -29.56
CA THR A 4 -17.32 -24.32 -28.67
C THR A 4 -16.15 -23.48 -29.14
N PHE A 5 -15.63 -22.67 -28.23
CA PHE A 5 -14.53 -21.74 -28.49
C PHE A 5 -13.55 -21.82 -27.35
N GLU A 6 -12.28 -21.86 -27.68
CA GLU A 6 -11.24 -21.95 -26.65
C GLU A 6 -10.43 -20.70 -26.64
N ASP A 7 -9.91 -20.40 -25.48
CA ASP A 7 -9.08 -19.25 -25.32
C ASP A 7 -8.07 -19.53 -24.23
N GLU A 8 -6.90 -18.93 -24.35
CA GLU A 8 -5.84 -19.24 -23.41
C GLU A 8 -5.23 -17.95 -22.94
N ILE A 9 -5.05 -17.84 -21.63
CA ILE A 9 -4.49 -16.62 -21.07
C ILE A 9 -3.49 -16.95 -20.01
N THR A 10 -2.57 -16.04 -19.80
CA THR A 10 -1.46 -16.29 -18.89
C THR A 10 -1.57 -15.36 -17.73
N SER A 11 -1.06 -15.83 -16.60
CA SER A 11 -0.93 -14.98 -15.45
C SER A 11 0.37 -15.26 -14.75
N THR A 12 0.81 -14.24 -14.05
CA THR A 12 1.97 -14.31 -13.20
C THR A 12 1.66 -14.89 -11.80
N VAL A 13 0.37 -15.03 -11.47
CA VAL A 13 -0.07 -15.61 -10.20
C VAL A 13 -0.08 -17.13 -10.31
N PRO A 14 0.48 -17.83 -9.29
CA PRO A 14 0.44 -19.29 -9.40
C PRO A 14 -0.99 -19.85 -9.33
N PRO A 15 -1.23 -21.03 -9.94
CA PRO A 15 -2.62 -21.48 -10.07
C PRO A 15 -3.37 -21.73 -8.80
N ALA A 16 -2.75 -22.34 -7.81
CA ALA A 16 -3.44 -22.59 -6.52
C ALA A 16 -3.94 -21.29 -5.90
N LYS A 17 -3.12 -20.25 -5.99
CA LYS A 17 -3.49 -18.93 -5.45
C LYS A 17 -4.65 -18.28 -6.21
N LEU A 18 -4.61 -18.32 -7.54
CA LEU A 18 -5.68 -17.77 -8.35
C LEU A 18 -6.98 -18.47 -8.11
N TYR A 19 -6.88 -19.79 -8.03
CA TYR A 19 -8.06 -20.60 -7.85
C TYR A 19 -8.75 -20.28 -6.53
N ASN A 20 -7.97 -20.04 -5.49
CA ASN A 20 -8.56 -19.71 -4.15
C ASN A 20 -9.27 -18.40 -4.22
N ALA A 21 -8.71 -17.46 -4.98
CA ALA A 21 -9.36 -16.18 -5.14
C ALA A 21 -10.66 -16.27 -5.97
N MET A 22 -10.70 -17.20 -6.90
CA MET A 22 -11.89 -17.36 -7.73
C MET A 22 -13.10 -17.71 -6.91
N LYS A 23 -12.87 -18.52 -5.91
CA LYS A 23 -13.93 -18.93 -5.01
C LYS A 23 -14.58 -17.73 -4.33
N ASP A 24 -13.86 -16.62 -4.22
CA ASP A 24 -14.39 -15.40 -3.62
C ASP A 24 -14.84 -14.41 -4.67
N ALA A 25 -15.14 -14.88 -5.89
CA ALA A 25 -15.60 -13.98 -6.97
C ALA A 25 -16.81 -13.18 -6.56
N ASP A 26 -17.68 -13.77 -5.75
CA ASP A 26 -18.89 -13.10 -5.33
C ASP A 26 -18.57 -11.81 -4.58
N SER A 27 -17.51 -11.79 -3.77
CA SER A 27 -17.15 -10.55 -3.02
C SER A 27 -16.09 -9.70 -3.71
N ILE A 28 -15.19 -10.34 -4.42
CA ILE A 28 -14.16 -9.63 -5.19
C ILE A 28 -14.69 -8.82 -6.40
N THR A 29 -15.62 -9.41 -7.13
CA THR A 29 -16.13 -8.82 -8.37
C THR A 29 -16.79 -7.45 -8.22
N PRO A 30 -17.64 -7.26 -7.20
CA PRO A 30 -18.27 -5.96 -7.05
C PRO A 30 -17.26 -4.84 -6.79
N LYS A 31 -16.16 -5.16 -6.13
CA LYS A 31 -15.12 -4.15 -5.81
C LYS A 31 -14.34 -3.70 -7.04
N ILE A 32 -13.92 -4.66 -7.86
CA ILE A 32 -13.06 -4.40 -8.99
C ILE A 32 -13.82 -3.87 -10.21
N ILE A 33 -14.97 -4.48 -10.50
CA ILE A 33 -15.68 -4.18 -11.74
C ILE A 33 -16.70 -3.13 -11.35
N ASP A 34 -16.56 -1.95 -11.90
CA ASP A 34 -17.33 -0.83 -11.53
C ASP A 34 -18.84 -1.14 -11.66
N ASP A 35 -19.23 -1.64 -12.82
CA ASP A 35 -20.63 -1.88 -13.07
C ASP A 35 -21.28 -2.96 -12.19
N VAL A 36 -20.51 -3.90 -11.68
CA VAL A 36 -21.09 -4.96 -10.87
C VAL A 36 -21.34 -4.40 -9.50
N LYS A 37 -22.57 -4.46 -9.02
CA LYS A 37 -22.94 -3.98 -7.68
C LYS A 37 -23.06 -5.04 -6.60
N SER A 38 -23.52 -6.22 -6.97
CA SER A 38 -23.69 -7.29 -6.01
C SER A 38 -23.83 -8.65 -6.68
N VAL A 39 -23.56 -9.68 -5.91
CA VAL A 39 -23.71 -11.06 -6.34
C VAL A 39 -24.39 -11.78 -5.18
N GLU A 40 -25.54 -12.36 -5.45
CA GLU A 40 -26.38 -12.91 -4.42
C GLU A 40 -26.78 -14.34 -4.78
N ILE A 41 -26.87 -15.19 -3.78
CA ILE A 41 -27.28 -16.58 -4.03
C ILE A 41 -28.79 -16.63 -4.00
N VAL A 42 -29.41 -17.03 -5.09
CA VAL A 42 -30.85 -17.21 -5.16
C VAL A 42 -31.29 -18.59 -4.64
N GLU A 43 -30.58 -19.63 -5.04
CA GLU A 43 -30.90 -21.00 -4.69
C GLU A 43 -29.62 -21.78 -4.53
N GLY A 44 -29.61 -22.77 -3.65
CA GLY A 44 -28.45 -23.66 -3.49
C GLY A 44 -27.40 -23.21 -2.47
N ASN A 45 -26.36 -24.03 -2.31
CA ASN A 45 -25.34 -23.85 -1.26
C ASN A 45 -23.95 -23.48 -1.75
N GLY A 46 -23.87 -22.99 -2.97
CA GLY A 46 -22.59 -22.63 -3.58
C GLY A 46 -22.05 -23.72 -4.47
N GLY A 47 -22.62 -24.92 -4.36
CA GLY A 47 -22.18 -26.03 -5.19
C GLY A 47 -22.96 -26.14 -6.49
N PRO A 48 -22.69 -27.20 -7.27
CA PRO A 48 -23.41 -27.28 -8.53
C PRO A 48 -24.92 -27.21 -8.41
N GLY A 49 -25.53 -26.49 -9.34
CA GLY A 49 -26.97 -26.30 -9.36
C GLY A 49 -27.30 -24.95 -8.77
N THR A 50 -26.38 -24.37 -8.03
CA THR A 50 -26.59 -23.09 -7.39
C THR A 50 -26.85 -22.01 -8.44
N ILE A 51 -27.78 -21.14 -8.14
CA ILE A 51 -28.14 -20.03 -8.99
C ILE A 51 -27.75 -18.75 -8.30
N LYS A 52 -27.05 -17.89 -9.01
CA LYS A 52 -26.59 -16.63 -8.46
C LYS A 52 -27.16 -15.53 -9.27
N LYS A 53 -27.42 -14.42 -8.62
CA LYS A 53 -27.97 -13.27 -9.29
C LYS A 53 -26.98 -12.14 -9.18
N LEU A 54 -26.55 -11.62 -10.32
CA LEU A 54 -25.66 -10.50 -10.38
C LEU A 54 -26.43 -9.27 -10.70
N THR A 55 -26.26 -8.23 -9.91
CA THR A 55 -26.90 -6.96 -10.17
C THR A 55 -25.88 -5.99 -10.71
N ILE A 56 -26.22 -5.40 -11.83
CA ILE A 56 -25.37 -4.51 -12.54
C ILE A 56 -26.09 -3.23 -12.80
N VAL A 57 -25.33 -2.16 -12.91
CA VAL A 57 -25.88 -0.86 -13.17
C VAL A 57 -25.12 -0.21 -14.31
N GLU A 58 -25.28 -0.76 -15.50
CA GLU A 58 -24.64 -0.22 -16.68
C GLU A 58 -25.39 1.08 -16.89
N ASP A 59 -24.72 2.12 -17.36
CA ASP A 59 -25.40 3.40 -17.54
C ASP A 59 -25.87 3.77 -16.13
N GLY A 60 -27.13 4.20 -16.01
CA GLY A 60 -27.70 4.50 -14.72
C GLY A 60 -28.84 3.54 -14.45
N GLU A 61 -28.98 2.52 -15.29
CA GLU A 61 -30.09 1.56 -15.19
C GLU A 61 -29.70 0.13 -14.78
N THR A 62 -30.41 -0.35 -13.77
CA THR A 62 -30.17 -1.65 -13.21
C THR A 62 -30.48 -2.82 -14.13
N LYS A 63 -29.64 -3.84 -14.07
CA LYS A 63 -29.83 -5.06 -14.86
C LYS A 63 -29.44 -6.30 -14.05
N PHE A 64 -30.11 -7.41 -14.32
CA PHE A 64 -29.82 -8.63 -13.60
C PHE A 64 -29.22 -9.66 -14.55
N ILE A 65 -28.26 -10.43 -14.08
CA ILE A 65 -27.74 -11.58 -14.82
C ILE A 65 -27.79 -12.77 -13.92
N LEU A 66 -28.08 -13.92 -14.47
CA LEU A 66 -28.17 -15.11 -13.67
C LEU A 66 -27.14 -16.13 -14.06
N HIS A 67 -26.44 -16.64 -13.07
CA HIS A 67 -25.47 -17.67 -13.29
C HIS A 67 -25.90 -18.95 -12.64
N LYS A 68 -25.60 -20.06 -13.27
CA LYS A 68 -25.77 -21.37 -12.66
C LYS A 68 -24.40 -22.02 -12.51
N VAL A 69 -24.08 -22.49 -11.33
CA VAL A 69 -22.83 -23.21 -11.11
C VAL A 69 -22.97 -24.59 -11.74
N GLU A 70 -22.03 -24.97 -12.58
CA GLU A 70 -22.08 -26.26 -13.27
C GLU A 70 -21.26 -27.34 -12.62
N SER A 71 -20.05 -27.01 -12.25
CA SER A 71 -19.18 -28.01 -11.62
C SER A 71 -17.96 -27.34 -11.09
N ILE A 72 -17.33 -28.04 -10.16
CA ILE A 72 -16.11 -27.58 -9.58
C ILE A 72 -15.14 -28.77 -9.53
N ASP A 73 -13.85 -28.47 -9.69
CA ASP A 73 -12.79 -29.47 -9.47
C ASP A 73 -11.62 -28.76 -8.84
N GLU A 74 -11.65 -28.66 -7.52
CA GLU A 74 -10.64 -27.93 -6.77
C GLU A 74 -9.24 -28.48 -7.02
N ALA A 75 -9.13 -29.80 -7.03
CA ALA A 75 -7.82 -30.43 -7.24
C ALA A 75 -7.24 -30.00 -8.61
N ASN A 76 -8.12 -29.73 -9.58
CA ASN A 76 -7.65 -29.38 -10.93
C ASN A 76 -7.88 -27.94 -11.30
N TYR A 77 -8.15 -27.15 -10.27
CA TYR A 77 -8.28 -25.73 -10.37
C TYR A 77 -9.30 -25.33 -11.44
N ALA A 78 -10.48 -25.90 -11.36
CA ALA A 78 -11.52 -25.64 -12.33
C ALA A 78 -12.80 -25.13 -11.69
N TYR A 79 -13.36 -24.10 -12.29
CA TYR A 79 -14.69 -23.59 -11.94
C TYR A 79 -15.45 -23.38 -13.24
N ASN A 80 -16.65 -23.93 -13.29
CA ASN A 80 -17.51 -23.81 -14.45
C ASN A 80 -18.87 -23.28 -14.07
N TYR A 81 -19.34 -22.28 -14.84
CA TYR A 81 -20.66 -21.76 -14.63
C TYR A 81 -21.32 -21.37 -15.93
N SER A 82 -22.64 -21.25 -15.92
CA SER A 82 -23.36 -20.83 -17.13
C SER A 82 -24.17 -19.58 -16.87
N VAL A 83 -24.21 -18.69 -17.85
CA VAL A 83 -25.18 -17.60 -17.87
C VAL A 83 -26.50 -18.27 -18.30
N VAL A 84 -27.52 -18.16 -17.48
CA VAL A 84 -28.82 -18.77 -17.73
C VAL A 84 -30.02 -17.80 -17.74
N GLY A 85 -29.80 -16.50 -17.65
CA GLY A 85 -30.89 -15.56 -17.71
C GLY A 85 -30.40 -14.13 -17.65
N GLY A 86 -31.26 -13.15 -17.88
CA GLY A 86 -30.73 -11.78 -17.95
C GLY A 86 -30.35 -11.38 -19.35
N VAL A 87 -30.26 -10.09 -19.56
CA VAL A 87 -30.30 -9.53 -20.94
C VAL A 87 -29.01 -9.91 -21.66
N ALA A 88 -28.00 -10.23 -20.88
CA ALA A 88 -26.81 -10.95 -21.35
C ALA A 88 -27.10 -12.21 -22.17
N LEU A 89 -28.18 -12.88 -21.88
CA LEU A 89 -28.52 -14.03 -22.64
C LEU A 89 -29.39 -13.74 -23.84
N PRO A 90 -28.86 -14.04 -25.06
CA PRO A 90 -29.73 -13.74 -26.20
C PRO A 90 -30.82 -14.79 -26.41
N PRO A 91 -31.87 -14.46 -27.17
CA PRO A 91 -32.96 -15.44 -27.32
C PRO A 91 -32.58 -16.69 -28.10
N THR A 92 -31.53 -16.60 -28.89
CA THR A 92 -31.05 -17.73 -29.66
C THR A 92 -30.20 -18.69 -28.85
N ALA A 93 -30.02 -18.40 -27.57
CA ALA A 93 -29.20 -19.22 -26.69
C ALA A 93 -29.94 -19.75 -25.47
N GLU A 94 -29.83 -21.04 -25.27
CA GLU A 94 -30.42 -21.68 -24.10
C GLU A 94 -29.60 -21.32 -22.86
N LYS A 95 -28.28 -21.37 -23.02
CA LYS A 95 -27.34 -20.95 -21.98
C LYS A 95 -25.93 -20.80 -22.56
N ILE A 96 -25.11 -20.05 -21.88
CA ILE A 96 -23.74 -19.84 -22.29
C ILE A 96 -22.85 -20.30 -21.16
N THR A 97 -22.03 -21.30 -21.43
CA THR A 97 -21.17 -21.88 -20.40
C THR A 97 -19.73 -21.38 -20.45
N PHE A 98 -19.19 -21.00 -19.29
CA PHE A 98 -17.83 -20.50 -19.18
C PHE A 98 -17.08 -21.47 -18.31
N GLU A 99 -16.07 -22.08 -18.86
CA GLU A 99 -15.24 -23.01 -18.11
C GLU A 99 -13.86 -22.41 -17.96
N THR A 100 -13.35 -22.49 -16.75
CA THR A 100 -12.04 -22.01 -16.46
C THR A 100 -11.26 -23.17 -15.85
N LYS A 101 -10.10 -23.44 -16.40
CA LYS A 101 -9.17 -24.44 -15.89
C LYS A 101 -7.79 -23.81 -15.75
N LEU A 102 -7.14 -23.94 -14.60
CA LEU A 102 -5.81 -23.35 -14.39
C LEU A 102 -4.77 -24.43 -14.38
N VAL A 103 -3.69 -24.19 -15.09
CA VAL A 103 -2.56 -25.08 -15.10
C VAL A 103 -1.33 -24.27 -14.69
N GLU A 104 -0.27 -24.94 -14.29
CA GLU A 104 1.01 -24.29 -13.95
C GLU A 104 1.73 -23.59 -15.11
N GLY A 105 2.31 -22.44 -14.78
CA GLY A 105 3.01 -21.61 -15.75
C GLY A 105 4.47 -22.01 -15.75
N PRO A 106 5.17 -21.77 -16.88
CA PRO A 106 6.59 -22.15 -16.91
C PRO A 106 7.45 -21.42 -15.88
N ASN A 107 7.13 -20.17 -15.56
CA ASN A 107 7.96 -19.35 -14.65
C ASN A 107 7.34 -18.95 -13.33
N GLY A 108 6.66 -19.88 -12.68
CA GLY A 108 5.95 -19.59 -11.40
C GLY A 108 4.54 -18.96 -11.51
N GLY A 109 3.98 -18.91 -12.72
CA GLY A 109 2.62 -18.40 -12.98
C GLY A 109 1.60 -19.43 -13.35
N SER A 110 0.55 -19.01 -14.02
CA SER A 110 -0.50 -19.93 -14.46
C SER A 110 -0.81 -19.75 -15.92
N ILE A 111 -1.39 -20.76 -16.51
CA ILE A 111 -2.08 -20.66 -17.78
C ILE A 111 -3.56 -20.90 -17.54
N GLY A 112 -4.40 -19.97 -17.94
CA GLY A 112 -5.87 -20.11 -17.80
C GLY A 112 -6.43 -20.67 -19.12
N LYS A 113 -7.10 -21.81 -19.06
CA LYS A 113 -7.77 -22.39 -20.22
C LYS A 113 -9.20 -22.06 -20.08
N LEU A 114 -9.65 -21.20 -20.97
CA LEU A 114 -11.01 -20.72 -20.97
C LEU A 114 -11.78 -21.35 -22.11
N THR A 115 -12.86 -22.00 -21.78
CA THR A 115 -13.68 -22.63 -22.78
C THR A 115 -15.04 -21.97 -22.74
N LEU A 116 -15.58 -21.64 -23.89
CA LEU A 116 -16.87 -20.99 -23.98
C LEU A 116 -17.76 -21.91 -24.76
N LYS A 117 -18.89 -22.24 -24.22
CA LYS A 117 -19.83 -23.09 -24.94
C LYS A 117 -21.18 -22.47 -25.08
N TYR A 118 -21.63 -22.32 -26.31
CA TYR A 118 -22.96 -21.78 -26.56
C TYR A 118 -23.95 -22.88 -26.87
N HIS A 119 -24.97 -23.03 -26.07
CA HIS A 119 -25.99 -24.04 -26.34
C HIS A 119 -27.10 -23.30 -27.06
N THR A 120 -27.16 -23.45 -28.36
CA THR A 120 -28.15 -22.72 -29.17
C THR A 120 -29.43 -23.50 -29.39
N LYS A 121 -30.49 -22.73 -29.60
CA LYS A 121 -31.81 -23.29 -29.79
C LYS A 121 -32.06 -24.20 -31.00
N GLY A 122 -31.70 -23.76 -32.19
CA GLY A 122 -31.92 -24.61 -33.34
C GLY A 122 -30.60 -24.60 -34.03
N ASP A 123 -29.51 -24.70 -33.26
CA ASP A 123 -28.14 -24.75 -33.79
C ASP A 123 -27.82 -23.46 -34.45
N ALA A 124 -28.21 -22.36 -33.78
CA ALA A 124 -28.01 -21.00 -34.23
C ALA A 124 -26.57 -20.60 -33.98
N LYS A 125 -25.82 -20.35 -35.05
CA LYS A 125 -24.40 -20.06 -34.79
C LYS A 125 -24.29 -18.66 -34.17
N PRO A 126 -23.48 -18.52 -33.18
CA PRO A 126 -23.31 -17.25 -32.50
C PRO A 126 -22.78 -16.17 -33.40
N ASP A 127 -23.21 -14.96 -33.14
CA ASP A 127 -22.77 -13.83 -33.93
C ASP A 127 -21.34 -13.39 -33.67
N GLU A 128 -20.73 -12.73 -34.64
CA GLU A 128 -19.39 -12.25 -34.48
C GLU A 128 -19.39 -11.30 -33.31
N GLU A 129 -20.48 -10.56 -33.20
CA GLU A 129 -20.66 -9.62 -32.10
C GLU A 129 -20.97 -10.24 -30.75
N GLU A 130 -21.77 -11.28 -30.77
CA GLU A 130 -22.15 -11.98 -29.55
C GLU A 130 -20.99 -12.68 -28.86
N LEU A 131 -20.17 -13.30 -29.68
CA LEU A 131 -19.01 -14.00 -29.25
C LEU A 131 -18.02 -13.02 -28.68
N LYS A 132 -17.86 -11.90 -29.35
CA LYS A 132 -16.96 -10.92 -28.93
C LYS A 132 -17.33 -10.54 -27.47
N LYS A 133 -18.60 -10.35 -27.21
CA LYS A 133 -19.02 -10.04 -25.86
C LYS A 133 -18.74 -11.17 -24.91
N GLY A 134 -18.95 -12.40 -25.37
CA GLY A 134 -18.67 -13.54 -24.53
C GLY A 134 -17.19 -13.74 -24.19
N LYS A 135 -16.33 -13.58 -25.19
CA LYS A 135 -14.90 -13.64 -24.96
C LYS A 135 -14.49 -12.57 -23.93
N ALA A 136 -15.03 -11.36 -24.10
CA ALA A 136 -14.67 -10.28 -23.21
C ALA A 136 -15.15 -10.52 -21.81
N LYS A 137 -16.32 -11.09 -21.65
CA LYS A 137 -16.84 -11.35 -20.31
C LYS A 137 -15.96 -12.36 -19.54
N GLY A 138 -15.58 -13.43 -20.21
CA GLY A 138 -14.77 -14.47 -19.58
C GLY A 138 -13.37 -13.95 -19.23
N GLU A 139 -12.81 -13.20 -20.16
CA GLU A 139 -11.55 -12.61 -19.91
C GLU A 139 -11.63 -11.58 -18.78
N GLY A 140 -12.70 -10.80 -18.72
CA GLY A 140 -12.90 -9.80 -17.70
C GLY A 140 -12.96 -10.34 -16.29
N LEU A 141 -13.63 -11.44 -16.09
CA LEU A 141 -13.69 -12.07 -14.75
C LEU A 141 -12.29 -12.50 -14.31
N PHE A 142 -11.56 -13.14 -15.24
CA PHE A 142 -10.24 -13.69 -14.93
C PHE A 142 -9.30 -12.53 -14.53
N ARG A 143 -9.33 -11.45 -15.31
CA ARG A 143 -8.52 -10.28 -14.99
C ARG A 143 -8.94 -9.63 -13.70
N ALA A 144 -10.22 -9.65 -13.40
CA ALA A 144 -10.72 -9.03 -12.14
C ALA A 144 -10.15 -9.78 -10.94
N ILE A 145 -10.15 -11.10 -11.01
CA ILE A 145 -9.63 -11.91 -9.93
C ILE A 145 -8.12 -11.77 -9.83
N GLU A 146 -7.45 -11.84 -10.95
CA GLU A 146 -6.02 -11.70 -10.99
C GLU A 146 -5.63 -10.35 -10.45
N GLY A 147 -6.35 -9.31 -10.88
CA GLY A 147 -6.03 -7.95 -10.44
C GLY A 147 -6.13 -7.81 -8.93
N TYR A 148 -7.12 -8.44 -8.35
CA TYR A 148 -7.34 -8.31 -6.92
C TYR A 148 -6.22 -8.95 -6.23
N VAL A 149 -5.81 -10.11 -6.71
CA VAL A 149 -4.67 -10.84 -6.04
C VAL A 149 -3.38 -10.04 -6.11
N LEU A 150 -3.07 -9.48 -7.28
CA LEU A 150 -1.81 -8.72 -7.49
C LEU A 150 -1.78 -7.44 -6.71
N ALA A 151 -2.95 -6.83 -6.58
CA ALA A 151 -3.13 -5.59 -5.81
C ALA A 151 -3.18 -5.81 -4.30
N ASN A 152 -3.57 -7.00 -3.85
CA ASN A 152 -3.64 -7.29 -2.39
C ASN A 152 -2.81 -8.56 -2.14
N PRO A 153 -1.46 -8.46 -2.18
CA PRO A 153 -0.69 -9.70 -2.05
C PRO A 153 -0.84 -10.53 -0.75
N THR A 154 -1.14 -9.93 0.39
CA THR A 154 -1.26 -10.68 1.63
C THR A 154 -2.56 -11.52 1.66
N GLN A 155 -3.50 -11.28 0.77
CA GLN A 155 -4.83 -11.90 0.88
C GLN A 155 -4.94 -13.40 0.67
N TYR A 156 -4.12 -13.97 -0.20
CA TYR A 156 -4.25 -15.39 -0.55
C TYR A 156 -2.90 -16.09 -0.46
N GLY B 1 20.71 9.74 4.88
CA GLY B 1 21.18 9.53 3.49
C GLY B 1 20.07 9.06 2.62
N VAL B 2 20.42 8.50 1.48
CA VAL B 2 19.45 8.07 0.49
C VAL B 2 19.76 6.68 -0.08
N PHE B 3 18.75 5.83 -0.05
CA PHE B 3 18.88 4.47 -0.51
C PHE B 3 17.89 4.25 -1.63
N THR B 4 18.37 3.68 -2.72
CA THR B 4 17.58 3.60 -3.94
C THR B 4 17.38 2.16 -4.41
N PHE B 5 16.20 1.85 -4.89
CA PHE B 5 15.89 0.56 -5.53
C PHE B 5 15.04 0.82 -6.77
N GLU B 6 15.45 0.25 -7.89
CA GLU B 6 14.77 0.40 -9.18
C GLU B 6 14.13 -0.92 -9.53
N ASP B 7 12.98 -0.85 -10.13
CA ASP B 7 12.16 -2.05 -10.39
C ASP B 7 11.42 -1.83 -11.69
N GLU B 8 11.11 -2.89 -12.39
CA GLU B 8 10.50 -2.79 -13.68
C GLU B 8 9.42 -3.81 -13.82
N ILE B 9 8.25 -3.37 -14.27
CA ILE B 9 7.13 -4.28 -14.41
C ILE B 9 6.47 -4.04 -15.73
N THR B 10 5.91 -5.10 -16.27
CA THR B 10 5.36 -5.05 -17.59
C THR B 10 3.88 -5.15 -17.55
N SER B 11 3.24 -4.58 -18.53
CA SER B 11 1.81 -4.60 -18.63
C SER B 11 1.34 -4.60 -20.08
N THR B 12 0.18 -5.20 -20.31
CA THR B 12 -0.42 -5.23 -21.61
C THR B 12 -1.14 -3.94 -21.92
N VAL B 13 -1.40 -3.10 -20.94
CA VAL B 13 -2.10 -1.88 -21.18
C VAL B 13 -1.13 -0.86 -21.75
N PRO B 14 -1.57 -0.13 -22.83
CA PRO B 14 -0.62 0.85 -23.34
C PRO B 14 -0.36 2.01 -22.42
N PRO B 15 0.89 2.59 -22.48
CA PRO B 15 1.14 3.65 -21.49
C PRO B 15 0.17 4.83 -21.36
N ALA B 16 -0.25 5.44 -22.45
CA ALA B 16 -1.13 6.58 -22.34
C ALA B 16 -2.35 6.21 -21.55
N LYS B 17 -2.85 5.01 -21.79
CA LYS B 17 -4.07 4.56 -21.09
C LYS B 17 -3.83 4.36 -19.61
N LEU B 18 -2.71 3.73 -19.26
CA LEU B 18 -2.38 3.45 -17.89
C LEU B 18 -2.15 4.73 -17.13
N TYR B 19 -1.48 5.67 -17.77
CA TYR B 19 -1.20 6.94 -17.19
C TYR B 19 -2.49 7.72 -16.89
N ASN B 20 -3.47 7.62 -17.76
CA ASN B 20 -4.73 8.29 -17.59
C ASN B 20 -5.45 7.75 -16.37
N ALA B 21 -5.39 6.44 -16.19
CA ALA B 21 -5.98 5.79 -14.99
C ALA B 21 -5.27 6.10 -13.68
N MET B 22 -3.97 6.31 -13.74
CA MET B 22 -3.16 6.72 -12.55
C MET B 22 -3.64 8.02 -11.98
N LYS B 23 -4.10 8.92 -12.84
CA LYS B 23 -4.66 10.21 -12.40
C LYS B 23 -5.86 10.01 -11.54
N ASP B 24 -6.56 8.88 -11.70
CA ASP B 24 -7.69 8.59 -10.90
C ASP B 24 -7.36 7.61 -9.77
N ALA B 25 -6.09 7.53 -9.40
CA ALA B 25 -5.68 6.66 -8.31
C ALA B 25 -6.45 6.96 -7.03
N ASP B 26 -6.81 8.22 -6.81
CA ASP B 26 -7.56 8.58 -5.62
C ASP B 26 -8.91 7.87 -5.53
N SER B 27 -9.59 7.62 -6.65
CA SER B 27 -10.85 6.92 -6.61
C SER B 27 -10.74 5.43 -6.89
N ILE B 28 -9.80 5.02 -7.72
CA ILE B 28 -9.57 3.60 -8.03
C ILE B 28 -9.03 2.76 -6.86
N THR B 29 -8.06 3.31 -6.17
CA THR B 29 -7.34 2.60 -5.10
C THR B 29 -8.24 2.13 -3.95
N PRO B 30 -9.21 3.03 -3.50
CA PRO B 30 -10.01 2.49 -2.42
C PRO B 30 -10.86 1.27 -2.81
N LYS B 31 -11.32 1.22 -4.05
CA LYS B 31 -12.13 0.10 -4.53
C LYS B 31 -11.36 -1.21 -4.65
N ILE B 32 -10.14 -1.15 -5.20
CA ILE B 32 -9.35 -2.34 -5.47
C ILE B 32 -8.55 -2.83 -4.26
N ILE B 33 -7.92 -1.92 -3.52
CA ILE B 33 -7.04 -2.30 -2.42
C ILE B 33 -7.90 -2.33 -1.17
N ASP B 34 -8.01 -3.49 -0.55
CA ASP B 34 -8.86 -3.67 0.60
C ASP B 34 -8.55 -2.63 1.68
N ASP B 35 -7.28 -2.54 2.01
CA ASP B 35 -6.89 -1.74 3.18
C ASP B 35 -7.02 -0.23 2.97
N VAL B 36 -7.04 0.21 1.73
CA VAL B 36 -7.20 1.64 1.48
C VAL B 36 -8.68 2.01 1.55
N LYS B 37 -9.08 2.95 2.37
CA LYS B 37 -10.49 3.35 2.50
C LYS B 37 -10.84 4.65 1.79
N SER B 38 -9.95 5.61 1.80
CA SER B 38 -10.18 6.91 1.16
C SER B 38 -8.89 7.69 0.92
N VAL B 39 -8.95 8.63 0.00
CA VAL B 39 -7.85 9.50 -0.33
C VAL B 39 -8.39 10.91 -0.46
N GLU B 40 -7.86 11.86 0.28
CA GLU B 40 -8.38 13.25 0.26
C GLU B 40 -7.25 14.25 0.12
N ILE B 41 -7.55 15.40 -0.44
CA ILE B 41 -6.58 16.46 -0.61
C ILE B 41 -6.59 17.39 0.58
N VAL B 42 -5.51 17.42 1.31
CA VAL B 42 -5.37 18.33 2.45
C VAL B 42 -5.09 19.74 1.96
N GLU B 43 -4.22 19.87 0.98
CA GLU B 43 -3.78 21.18 0.50
C GLU B 43 -3.26 21.07 -0.91
N GLY B 44 -3.41 22.13 -1.71
CA GLY B 44 -2.92 22.18 -3.08
C GLY B 44 -3.99 21.75 -4.09
N ASN B 45 -3.65 21.81 -5.36
CA ASN B 45 -4.60 21.59 -6.46
C ASN B 45 -4.38 20.29 -7.23
N GLY B 46 -3.58 19.38 -6.69
CA GLY B 46 -3.25 18.13 -7.34
C GLY B 46 -1.86 18.12 -7.96
N GLY B 47 -1.27 19.28 -8.16
CA GLY B 47 0.04 19.36 -8.74
C GLY B 47 1.13 19.27 -7.70
N PRO B 48 2.41 19.52 -8.09
CA PRO B 48 3.47 19.35 -7.08
C PRO B 48 3.33 20.23 -5.87
N GLY B 49 3.62 19.66 -4.70
CA GLY B 49 3.47 20.33 -3.42
C GLY B 49 2.17 19.95 -2.74
N THR B 50 1.23 19.38 -3.50
CA THR B 50 -0.03 18.91 -2.99
C THR B 50 0.17 17.85 -1.92
N ILE B 51 -0.58 17.97 -0.84
CA ILE B 51 -0.52 17.00 0.23
C ILE B 51 -1.82 16.23 0.22
N LYS B 52 -1.73 14.93 0.24
CA LYS B 52 -2.90 14.05 0.28
C LYS B 52 -2.91 13.24 1.56
N LYS B 53 -4.09 12.95 2.06
CA LYS B 53 -4.24 12.13 3.19
C LYS B 53 -4.94 10.84 2.81
N LEU B 54 -4.31 9.73 3.09
CA LEU B 54 -4.89 8.43 2.86
C LEU B 54 -5.35 7.85 4.17
N THR B 55 -6.54 7.31 4.18
CA THR B 55 -7.02 6.61 5.32
C THR B 55 -6.95 5.14 5.01
N ILE B 56 -6.29 4.41 5.88
CA ILE B 56 -6.15 2.98 5.72
C ILE B 56 -6.49 2.23 6.99
N VAL B 57 -6.64 0.94 6.88
CA VAL B 57 -6.80 0.11 8.04
C VAL B 57 -5.62 -0.84 8.09
N GLU B 58 -4.91 -0.82 9.20
CA GLU B 58 -3.77 -1.71 9.46
C GLU B 58 -3.81 -2.22 10.88
N ASP B 59 -3.70 -3.53 11.03
CA ASP B 59 -3.82 -4.14 12.32
C ASP B 59 -5.19 -3.80 12.90
N GLY B 60 -6.20 -3.92 12.06
CA GLY B 60 -7.57 -3.70 12.49
C GLY B 60 -7.80 -2.34 13.15
N GLU B 61 -6.98 -1.37 12.78
CA GLU B 61 -7.14 0.01 13.26
C GLU B 61 -7.01 1.01 12.09
N THR B 62 -7.78 2.08 12.15
CA THR B 62 -7.70 3.17 11.21
C THR B 62 -6.41 3.95 11.41
N LYS B 63 -5.72 4.25 10.32
CA LYS B 63 -4.44 4.95 10.32
C LYS B 63 -4.39 5.93 9.14
N PHE B 64 -3.60 6.97 9.30
CA PHE B 64 -3.48 7.97 8.26
C PHE B 64 -2.12 7.90 7.66
N ILE B 65 -2.01 8.22 6.38
CA ILE B 65 -0.74 8.29 5.71
C ILE B 65 -0.72 9.56 4.91
N LEU B 66 0.39 10.27 4.89
CA LEU B 66 0.44 11.51 4.17
C LEU B 66 1.36 11.41 2.98
N HIS B 67 0.91 11.95 1.87
CA HIS B 67 1.66 11.91 0.65
C HIS B 67 1.87 13.30 0.15
N LYS B 68 3.04 13.54 -0.40
CA LYS B 68 3.32 14.80 -1.07
C LYS B 68 3.61 14.52 -2.51
N VAL B 69 2.94 15.23 -3.40
CA VAL B 69 3.17 15.11 -4.82
C VAL B 69 4.46 15.83 -5.18
N GLU B 70 5.42 15.08 -5.70
CA GLU B 70 6.72 15.61 -6.03
C GLU B 70 6.81 16.25 -7.42
N SER B 71 6.28 15.61 -8.42
CA SER B 71 6.41 16.15 -9.74
C SER B 71 5.58 15.25 -10.63
N ILE B 72 5.26 15.78 -11.79
CA ILE B 72 4.46 15.08 -12.76
C ILE B 72 5.09 15.39 -14.11
N ASP B 73 5.03 14.45 -15.01
CA ASP B 73 5.51 14.70 -16.37
C ASP B 73 4.65 13.90 -17.33
N GLU B 74 3.55 14.53 -17.75
CA GLU B 74 2.57 13.85 -18.62
C GLU B 74 3.15 13.40 -19.96
N ALA B 75 4.00 14.21 -20.55
CA ALA B 75 4.62 13.87 -21.81
C ALA B 75 5.42 12.59 -21.58
N ASN B 76 6.02 12.51 -20.41
CA ASN B 76 6.84 11.38 -20.01
C ASN B 76 6.07 10.28 -19.27
N TYR B 77 4.77 10.46 -19.08
CA TYR B 77 3.95 9.47 -18.38
C TYR B 77 4.47 9.17 -16.97
N ALA B 78 4.74 10.22 -16.20
CA ALA B 78 5.29 10.07 -14.87
C ALA B 78 4.47 10.71 -13.75
N TYR B 79 4.36 9.97 -12.63
CA TYR B 79 3.78 10.48 -11.40
C TYR B 79 4.72 10.09 -10.25
N ASN B 80 5.17 11.09 -9.52
CA ASN B 80 6.04 10.88 -8.37
C ASN B 80 5.47 11.46 -7.10
N TYR B 81 5.51 10.70 -6.03
CA TYR B 81 5.06 11.19 -4.75
C TYR B 81 5.93 10.68 -3.59
N SER B 82 5.88 11.36 -2.45
CA SER B 82 6.60 10.87 -1.29
C SER B 82 5.69 10.63 -0.10
N VAL B 83 5.94 9.57 0.66
CA VAL B 83 5.28 9.39 1.91
C VAL B 83 6.03 10.33 2.87
N VAL B 84 5.30 11.26 3.50
CA VAL B 84 5.88 12.24 4.37
C VAL B 84 5.28 12.26 5.77
N GLY B 85 4.44 11.31 6.11
CA GLY B 85 3.86 11.27 7.46
C GLY B 85 2.92 10.08 7.70
N GLY B 86 2.48 9.84 8.93
CA GLY B 86 1.69 8.62 9.19
C GLY B 86 2.36 7.28 9.47
N VAL B 87 1.56 6.22 9.43
CA VAL B 87 1.99 4.88 9.91
C VAL B 87 2.99 4.20 8.96
N ALA B 88 2.88 4.56 7.70
CA ALA B 88 3.77 4.05 6.66
C ALA B 88 5.17 4.65 6.78
N LEU B 89 5.33 5.74 7.56
CA LEU B 89 6.64 6.31 7.85
C LEU B 89 7.32 5.95 9.17
N PRO B 90 8.36 5.12 9.10
CA PRO B 90 9.13 4.89 10.33
C PRO B 90 9.89 6.12 10.91
N PRO B 91 10.15 6.14 12.23
CA PRO B 91 10.78 7.34 12.82
C PRO B 91 12.20 7.64 12.37
N THR B 92 12.92 6.65 11.87
CA THR B 92 14.26 6.89 11.29
C THR B 92 14.24 7.42 9.84
N ALA B 93 13.06 7.53 9.26
CA ALA B 93 12.95 7.93 7.85
C ALA B 93 12.43 9.34 7.75
N GLU B 94 13.07 10.13 6.90
CA GLU B 94 12.63 11.49 6.60
C GLU B 94 11.46 11.46 5.63
N LYS B 95 11.59 10.65 4.60
CA LYS B 95 10.55 10.47 3.63
C LYS B 95 10.89 9.31 2.70
N ILE B 96 9.85 8.76 2.07
CA ILE B 96 10.02 7.66 1.19
C ILE B 96 9.38 8.06 -0.16
N THR B 97 10.17 8.11 -1.21
CA THR B 97 9.67 8.56 -2.51
C THR B 97 9.38 7.43 -3.46
N PHE B 98 8.24 7.48 -4.10
CA PHE B 98 7.86 6.49 -5.08
C PHE B 98 7.71 7.14 -6.42
N GLU B 99 8.49 6.71 -7.38
CA GLU B 99 8.44 7.30 -8.72
C GLU B 99 7.95 6.27 -9.68
N THR B 100 7.02 6.67 -10.52
CA THR B 100 6.50 5.79 -11.54
C THR B 100 6.64 6.44 -12.88
N LYS B 101 7.24 5.75 -13.81
CA LYS B 101 7.41 6.26 -15.18
C LYS B 101 6.94 5.15 -16.11
N LEU B 102 6.15 5.47 -17.12
CA LEU B 102 5.69 4.48 -18.09
C LEU B 102 6.34 4.70 -19.43
N VAL B 103 6.80 3.61 -20.03
CA VAL B 103 7.39 3.62 -21.35
C VAL B 103 6.63 2.65 -22.21
N GLU B 104 6.77 2.76 -23.52
CA GLU B 104 6.06 1.85 -24.43
C GLU B 104 6.61 0.43 -24.39
N GLY B 105 5.67 -0.49 -24.57
CA GLY B 105 5.93 -1.92 -24.60
C GLY B 105 6.24 -2.42 -25.98
N PRO B 106 6.99 -3.56 -26.02
CA PRO B 106 7.32 -4.03 -27.36
C PRO B 106 6.08 -4.45 -28.17
N ASN B 107 5.04 -4.94 -27.52
CA ASN B 107 3.79 -5.31 -28.22
C ASN B 107 2.58 -4.45 -27.90
N GLY B 108 2.79 -3.14 -27.90
CA GLY B 108 1.71 -2.20 -27.61
C GLY B 108 1.38 -2.04 -26.12
N GLY B 109 2.15 -2.68 -25.25
CA GLY B 109 1.94 -2.59 -23.85
C GLY B 109 2.80 -1.54 -23.22
N SER B 110 3.08 -1.70 -21.94
CA SER B 110 3.89 -0.75 -21.23
C SER B 110 4.91 -1.40 -20.35
N ILE B 111 5.93 -0.62 -20.02
CA ILE B 111 6.90 -1.04 -19.05
C ILE B 111 6.85 0.00 -17.98
N GLY B 112 6.55 -0.39 -16.77
CA GLY B 112 6.51 0.56 -15.63
C GLY B 112 7.86 0.59 -14.96
N LYS B 113 8.44 1.77 -14.85
CA LYS B 113 9.73 1.92 -14.25
C LYS B 113 9.45 2.54 -12.91
N LEU B 114 9.71 1.77 -11.85
CA LEU B 114 9.46 2.22 -10.51
C LEU B 114 10.78 2.46 -9.83
N THR B 115 10.89 3.58 -9.17
CA THR B 115 12.08 3.89 -8.42
C THR B 115 11.68 4.21 -7.00
N LEU B 116 12.32 3.59 -6.05
CA LEU B 116 12.04 3.83 -4.66
C LEU B 116 13.25 4.47 -4.00
N LYS B 117 13.08 5.63 -3.42
CA LYS B 117 14.15 6.32 -2.75
C LYS B 117 13.80 6.53 -1.30
N TYR B 118 14.59 5.94 -0.43
CA TYR B 118 14.35 6.00 0.99
C TYR B 118 15.32 7.01 1.61
N HIS B 119 14.77 8.02 2.24
CA HIS B 119 15.57 9.07 2.82
C HIS B 119 15.62 8.85 4.34
N THR B 120 16.79 8.61 4.89
CA THR B 120 16.97 8.35 6.33
C THR B 120 17.41 9.60 7.07
N LYS B 121 17.21 9.57 8.39
CA LYS B 121 17.55 10.73 9.29
C LYS B 121 19.01 11.20 9.24
N GLY B 122 19.96 10.33 9.53
CA GLY B 122 21.35 10.78 9.54
C GLY B 122 22.22 9.80 8.79
N ASP B 123 22.94 9.02 9.59
CA ASP B 123 23.74 7.89 9.11
C ASP B 123 22.89 6.62 9.32
N ALA B 124 21.64 6.78 9.73
CA ALA B 124 20.71 5.66 9.83
C ALA B 124 20.56 4.94 8.47
N LYS B 125 20.29 3.65 8.56
CA LYS B 125 20.09 2.80 7.44
C LYS B 125 18.67 2.41 7.53
N PRO B 126 18.05 2.05 6.39
CA PRO B 126 16.60 1.73 6.46
C PRO B 126 16.29 0.55 7.35
N ASP B 127 15.12 0.62 7.99
CA ASP B 127 14.70 -0.43 8.90
C ASP B 127 14.69 -1.69 8.11
N GLU B 128 14.81 -2.80 8.79
CA GLU B 128 15.03 -4.07 8.12
C GLU B 128 14.03 -4.51 7.05
N GLU B 129 12.75 -4.28 7.31
CA GLU B 129 11.70 -4.73 6.42
C GLU B 129 11.32 -3.74 5.31
N GLU B 130 11.96 -2.61 5.27
CA GLU B 130 11.46 -1.50 4.48
C GLU B 130 11.57 -1.65 2.97
N LEU B 131 12.66 -2.24 2.52
CA LEU B 131 12.84 -2.53 1.12
C LEU B 131 11.75 -3.46 0.60
N LYS B 132 11.51 -4.54 1.31
CA LYS B 132 10.46 -5.48 0.89
C LYS B 132 9.09 -4.79 0.87
N LYS B 133 8.78 -4.02 1.89
CA LYS B 133 7.50 -3.35 1.97
C LYS B 133 7.37 -2.27 0.91
N GLY B 134 8.43 -1.53 0.68
CA GLY B 134 8.41 -0.50 -0.30
C GLY B 134 8.20 -1.08 -1.70
N LYS B 135 8.90 -2.16 -2.01
CA LYS B 135 8.80 -2.76 -3.32
C LYS B 135 7.39 -3.22 -3.51
N ALA B 136 6.82 -3.82 -2.46
CA ALA B 136 5.45 -4.31 -2.56
C ALA B 136 4.41 -3.17 -2.70
N LYS B 137 4.61 -2.05 -2.02
CA LYS B 137 3.69 -0.93 -2.13
C LYS B 137 3.66 -0.39 -3.58
N GLY B 138 4.83 -0.19 -4.18
CA GLY B 138 4.92 0.36 -5.53
C GLY B 138 4.28 -0.59 -6.54
N GLU B 139 4.59 -1.87 -6.39
CA GLU B 139 4.03 -2.85 -7.27
C GLU B 139 2.56 -2.91 -7.11
N GLY B 140 2.10 -2.77 -5.87
CA GLY B 140 0.68 -2.83 -5.56
C GLY B 140 -0.12 -1.73 -6.19
N LEU B 141 0.38 -0.52 -6.15
CA LEU B 141 -0.32 0.59 -6.74
C LEU B 141 -0.43 0.37 -8.25
N PHE B 142 0.65 -0.07 -8.87
CA PHE B 142 0.67 -0.26 -10.30
C PHE B 142 -0.32 -1.34 -10.71
N ARG B 143 -0.31 -2.44 -9.98
CA ARG B 143 -1.25 -3.52 -10.25
C ARG B 143 -2.69 -3.11 -10.01
N ALA B 144 -2.93 -2.26 -9.02
CA ALA B 144 -4.29 -1.84 -8.72
C ALA B 144 -4.84 -1.06 -9.89
N ILE B 145 -4.04 -0.16 -10.46
CA ILE B 145 -4.47 0.67 -11.55
C ILE B 145 -4.63 -0.19 -12.83
N GLU B 146 -3.68 -1.08 -13.08
CA GLU B 146 -3.74 -1.95 -14.23
C GLU B 146 -4.96 -2.83 -14.14
N GLY B 147 -5.20 -3.36 -12.95
CA GLY B 147 -6.33 -4.23 -12.74
C GLY B 147 -7.65 -3.54 -13.01
N TYR B 148 -7.76 -2.29 -12.59
CA TYR B 148 -8.99 -1.59 -12.78
C TYR B 148 -9.21 -1.38 -14.28
N VAL B 149 -8.16 -1.05 -15.00
CA VAL B 149 -8.28 -0.79 -16.43
C VAL B 149 -8.68 -2.07 -17.15
N LEU B 150 -8.07 -3.18 -16.83
CA LEU B 150 -8.40 -4.45 -17.50
C LEU B 150 -9.77 -4.91 -17.22
N ALA B 151 -10.20 -4.70 -15.98
CA ALA B 151 -11.53 -5.13 -15.54
C ALA B 151 -12.63 -4.21 -16.00
N ASN B 152 -12.32 -2.96 -16.32
CA ASN B 152 -13.34 -2.05 -16.80
C ASN B 152 -12.86 -1.46 -18.15
N PRO B 153 -12.93 -2.25 -19.26
CA PRO B 153 -12.32 -1.75 -20.52
C PRO B 153 -12.92 -0.49 -21.15
N THR B 154 -14.20 -0.22 -20.91
CA THR B 154 -14.81 0.97 -21.50
C THR B 154 -14.41 2.29 -20.84
N GLN B 155 -13.84 2.26 -19.65
CA GLN B 155 -13.59 3.49 -18.91
C GLN B 155 -12.46 4.40 -19.35
N TYR B 156 -11.44 3.86 -20.00
CA TYR B 156 -10.29 4.64 -20.44
C TYR B 156 -9.96 4.34 -21.89
N GLY C 1 18.42 5.97 -22.04
CA GLY C 1 18.77 5.08 -23.17
C GLY C 1 19.63 3.93 -22.68
N VAL C 2 20.28 3.26 -23.65
CA VAL C 2 21.11 2.13 -23.36
C VAL C 2 22.45 2.21 -24.05
N PHE C 3 23.50 1.98 -23.28
CA PHE C 3 24.86 2.05 -23.76
C PHE C 3 25.57 0.75 -23.47
N THR C 4 26.18 0.21 -24.51
CA THR C 4 26.68 -1.16 -24.46
C THR C 4 28.16 -1.26 -24.76
N PHE C 5 28.84 -2.03 -23.94
CA PHE C 5 30.26 -2.24 -24.06
C PHE C 5 30.54 -3.75 -23.88
N GLU C 6 31.32 -4.29 -24.78
CA GLU C 6 31.61 -5.74 -24.79
C GLU C 6 33.11 -5.92 -24.61
N ASP C 7 33.46 -6.93 -23.88
CA ASP C 7 34.86 -7.19 -23.53
C ASP C 7 35.08 -8.70 -23.41
N GLU C 8 36.31 -9.14 -23.64
CA GLU C 8 36.66 -10.54 -23.54
C GLU C 8 37.78 -10.75 -22.53
N ILE C 9 37.71 -11.87 -21.84
CA ILE C 9 38.69 -12.24 -20.88
C ILE C 9 38.94 -13.74 -21.00
N THR C 10 40.18 -14.13 -20.83
CA THR C 10 40.61 -15.45 -21.18
C THR C 10 40.91 -16.16 -19.85
N SER C 11 40.66 -17.47 -19.81
CA SER C 11 41.06 -18.28 -18.66
C SER C 11 41.52 -19.63 -19.09
N THR C 12 42.36 -20.18 -18.26
CA THR C 12 42.82 -21.52 -18.38
C THR C 12 41.77 -22.56 -17.94
N VAL C 13 40.82 -22.16 -17.11
CA VAL C 13 39.82 -23.08 -16.58
C VAL C 13 38.79 -23.37 -17.65
N PRO C 14 38.38 -24.65 -17.81
CA PRO C 14 37.36 -24.91 -18.86
C PRO C 14 36.01 -24.31 -18.49
N PRO C 15 35.19 -23.93 -19.50
CA PRO C 15 33.96 -23.20 -19.21
C PRO C 15 32.94 -23.88 -18.30
N ALA C 16 32.73 -25.19 -18.45
CA ALA C 16 31.77 -25.90 -17.57
C ALA C 16 32.17 -25.81 -16.12
N LYS C 17 33.47 -25.90 -15.87
CA LYS C 17 33.96 -25.79 -14.52
C LYS C 17 33.80 -24.39 -13.95
N LEU C 18 34.16 -23.39 -14.72
CA LEU C 18 34.02 -21.99 -14.26
C LEU C 18 32.57 -21.64 -13.99
N TYR C 19 31.71 -22.09 -14.86
CA TYR C 19 30.29 -21.83 -14.75
C TYR C 19 29.73 -22.41 -13.46
N ASN C 20 30.16 -23.62 -13.11
CA ASN C 20 29.70 -24.23 -11.86
C ASN C 20 30.13 -23.42 -10.63
N ALA C 21 31.36 -22.91 -10.68
CA ALA C 21 31.86 -22.07 -9.56
C ALA C 21 31.13 -20.71 -9.48
N MET C 22 30.75 -20.16 -10.62
CA MET C 22 29.98 -18.89 -10.66
C MET C 22 28.65 -18.95 -9.93
N LYS C 23 28.03 -20.11 -9.96
CA LYS C 23 26.82 -20.33 -9.18
C LYS C 23 27.05 -20.12 -7.70
N ASP C 24 28.27 -20.29 -7.24
CA ASP C 24 28.59 -20.08 -5.82
C ASP C 24 29.22 -18.73 -5.52
N ALA C 25 29.00 -17.77 -6.41
CA ALA C 25 29.57 -16.43 -6.25
C ALA C 25 29.20 -15.79 -4.91
N ASP C 26 28.00 -16.08 -4.41
CA ASP C 26 27.58 -15.51 -3.14
C ASP C 26 28.53 -15.88 -2.01
N SER C 27 29.05 -17.11 -2.04
CA SER C 27 29.96 -17.51 -0.97
C SER C 27 31.42 -17.33 -1.32
N ILE C 28 31.78 -17.53 -2.57
CA ILE C 28 33.15 -17.36 -2.99
C ILE C 28 33.66 -15.93 -2.90
N THR C 29 32.84 -15.04 -3.40
CA THR C 29 33.17 -13.63 -3.55
C THR C 29 33.63 -12.94 -2.22
N PRO C 30 32.93 -13.16 -1.08
CA PRO C 30 33.43 -12.46 0.10
C PRO C 30 34.82 -12.93 0.58
N LYS C 31 35.12 -14.21 0.39
CA LYS C 31 36.42 -14.72 0.78
C LYS C 31 37.57 -14.17 -0.08
N ILE C 32 37.42 -14.26 -1.39
CA ILE C 32 38.44 -13.80 -2.36
C ILE C 32 38.63 -12.28 -2.55
N ILE C 33 37.54 -11.53 -2.59
CA ILE C 33 37.62 -10.09 -2.80
C ILE C 33 37.63 -9.49 -1.41
N ASP C 34 38.61 -8.66 -1.13
CA ASP C 34 38.77 -8.11 0.20
C ASP C 34 37.60 -7.23 0.62
N ASP C 35 37.26 -6.30 -0.27
CA ASP C 35 36.22 -5.29 -0.01
C ASP C 35 34.79 -5.85 0.11
N VAL C 36 34.50 -6.98 -0.51
CA VAL C 36 33.19 -7.60 -0.40
C VAL C 36 33.12 -8.33 0.92
N LYS C 37 32.14 -7.99 1.74
CA LYS C 37 31.97 -8.62 3.06
C LYS C 37 30.88 -9.68 3.15
N SER C 38 29.78 -9.47 2.45
CA SER C 38 28.69 -10.44 2.42
C SER C 38 27.76 -10.26 1.24
N VAL C 39 27.04 -11.31 0.92
CA VAL C 39 26.05 -11.30 -0.10
C VAL C 39 24.84 -12.00 0.44
N GLU C 40 23.70 -11.34 0.42
CA GLU C 40 22.51 -11.95 1.00
C GLU C 40 21.28 -11.88 0.07
N ILE C 41 20.42 -12.88 0.14
CA ILE C 41 19.26 -12.88 -0.67
C ILE C 41 18.15 -12.17 0.04
N VAL C 42 17.75 -11.04 -0.50
CA VAL C 42 16.65 -10.29 0.04
C VAL C 42 15.34 -10.99 -0.32
N GLU C 43 15.19 -11.48 -1.52
CA GLU C 43 13.98 -12.16 -1.90
C GLU C 43 14.21 -12.96 -3.14
N GLY C 44 13.36 -13.96 -3.33
CA GLY C 44 13.47 -14.90 -4.44
C GLY C 44 14.34 -16.12 -4.09
N ASN C 45 14.46 -17.01 -5.04
CA ASN C 45 15.09 -18.32 -4.83
C ASN C 45 16.38 -18.53 -5.58
N GLY C 46 17.03 -17.44 -5.98
CA GLY C 46 18.28 -17.52 -6.70
C GLY C 46 18.14 -17.43 -8.19
N GLY C 47 16.94 -17.62 -8.69
CA GLY C 47 16.68 -17.55 -10.12
C GLY C 47 16.32 -16.14 -10.57
N PRO C 48 15.95 -15.96 -11.86
CA PRO C 48 15.58 -14.60 -12.27
C PRO C 48 14.52 -13.91 -11.42
N GLY C 49 14.79 -12.65 -11.13
CA GLY C 49 13.92 -11.80 -10.32
C GLY C 49 14.45 -11.71 -8.92
N THR C 50 15.32 -12.63 -8.54
CA THR C 50 15.94 -12.64 -7.24
C THR C 50 16.70 -11.33 -6.98
N ILE C 51 16.55 -10.80 -5.78
CA ILE C 51 17.25 -9.59 -5.37
C ILE C 51 18.28 -9.96 -4.33
N LYS C 52 19.50 -9.51 -4.51
CA LYS C 52 20.58 -9.79 -3.56
C LYS C 52 21.08 -8.49 -3.02
N LYS C 53 21.58 -8.55 -1.79
CA LYS C 53 22.19 -7.37 -1.20
C LYS C 53 23.65 -7.69 -0.91
N LEU C 54 24.54 -6.85 -1.42
CA LEU C 54 25.96 -6.97 -1.19
C LEU C 54 26.41 -5.88 -0.25
N THR C 55 27.20 -6.26 0.73
CA THR C 55 27.79 -5.28 1.62
C THR C 55 29.23 -5.18 1.26
N ILE C 56 29.67 -3.97 1.04
CA ILE C 56 31.01 -3.71 0.60
C ILE C 56 31.58 -2.49 1.28
N VAL C 57 32.90 -2.37 1.23
CA VAL C 57 33.58 -1.15 1.70
C VAL C 57 34.32 -0.46 0.55
N GLU C 58 33.92 0.77 0.24
CA GLU C 58 34.52 1.57 -0.83
C GLU C 58 35.01 2.86 -0.19
N ASP C 59 36.31 3.12 -0.24
CA ASP C 59 36.88 4.32 0.45
C ASP C 59 36.71 4.21 1.98
N GLY C 60 36.81 2.99 2.50
CA GLY C 60 36.64 2.69 3.93
C GLY C 60 35.23 2.93 4.46
N GLU C 61 34.30 3.18 3.56
CA GLU C 61 32.92 3.46 3.93
C GLU C 61 32.19 2.18 3.59
N THR C 62 31.40 1.64 4.52
CA THR C 62 30.50 0.54 4.21
C THR C 62 29.42 1.00 3.23
N LYS C 63 29.11 0.18 2.25
CA LYS C 63 28.09 0.50 1.29
C LYS C 63 27.23 -0.71 0.98
N PHE C 64 25.98 -0.47 0.60
CA PHE C 64 25.11 -1.56 0.18
C PHE C 64 24.88 -1.44 -1.29
N ILE C 65 24.79 -2.58 -1.95
CA ILE C 65 24.51 -2.60 -3.36
C ILE C 65 23.46 -3.64 -3.59
N LEU C 66 22.58 -3.38 -4.52
CA LEU C 66 21.52 -4.31 -4.83
C LEU C 66 21.66 -4.87 -6.21
N HIS C 67 21.45 -6.16 -6.32
CA HIS C 67 21.55 -6.82 -7.59
C HIS C 67 20.28 -7.54 -7.87
N LYS C 68 19.90 -7.58 -9.11
CA LYS C 68 18.78 -8.34 -9.52
C LYS C 68 19.31 -9.37 -10.51
N VAL C 69 18.98 -10.63 -10.28
CA VAL C 69 19.30 -11.68 -11.23
C VAL C 69 18.43 -11.57 -12.45
N GLU C 70 19.04 -11.51 -13.62
CA GLU C 70 18.29 -11.39 -14.87
C GLU C 70 18.26 -12.76 -15.58
N SER C 71 17.32 -12.97 -16.45
CA SER C 71 17.28 -14.21 -17.21
C SER C 71 18.52 -14.46 -18.05
N ILE C 72 18.69 -15.72 -18.42
CA ILE C 72 19.83 -16.15 -19.23
C ILE C 72 19.35 -17.12 -20.31
N ASP C 73 20.11 -17.21 -21.39
CA ASP C 73 19.78 -18.19 -22.42
C ASP C 73 20.14 -19.54 -21.82
N GLU C 74 19.31 -20.53 -22.06
CA GLU C 74 19.54 -21.87 -21.49
C GLU C 74 20.82 -22.55 -22.00
N ALA C 75 21.11 -22.42 -23.28
CA ALA C 75 22.29 -23.05 -23.89
C ALA C 75 23.64 -22.58 -23.34
N ASN C 76 23.79 -21.27 -23.19
CA ASN C 76 25.05 -20.69 -22.71
C ASN C 76 25.34 -20.92 -21.22
N TYR C 77 26.63 -21.05 -20.91
CA TYR C 77 27.06 -21.15 -19.53
C TYR C 77 27.14 -19.68 -19.17
N ALA C 78 26.07 -19.13 -18.66
CA ALA C 78 26.06 -17.71 -18.32
C ALA C 78 25.24 -17.29 -17.12
N TYR C 79 25.68 -16.18 -16.54
CA TYR C 79 25.00 -15.54 -15.44
C TYR C 79 24.86 -14.06 -15.71
N ASN C 80 23.63 -13.56 -15.66
CA ASN C 80 23.36 -12.14 -15.91
C ASN C 80 22.67 -11.50 -14.75
N TYR C 81 23.16 -10.34 -14.32
CA TYR C 81 22.53 -9.62 -13.24
C TYR C 81 22.60 -8.11 -13.47
N SER C 82 21.76 -7.36 -12.80
CA SER C 82 21.82 -5.90 -12.88
C SER C 82 22.03 -5.27 -11.52
N VAL C 83 22.79 -4.19 -11.47
CA VAL C 83 22.86 -3.37 -10.29
C VAL C 83 21.61 -2.50 -10.36
N VAL C 84 20.75 -2.59 -9.34
CA VAL C 84 19.47 -1.87 -9.33
C VAL C 84 19.29 -0.94 -8.16
N GLY C 85 20.30 -0.74 -7.36
CA GLY C 85 20.15 0.11 -6.20
C GLY C 85 21.30 0.03 -5.26
N GLY C 86 21.01 0.51 -4.06
CA GLY C 86 21.98 0.62 -3.00
C GLY C 86 22.11 2.08 -2.76
N VAL C 87 23.32 2.46 -2.41
CA VAL C 87 23.71 3.84 -2.25
C VAL C 87 24.56 4.36 -3.39
N ALA C 88 25.06 3.50 -4.25
CA ALA C 88 26.09 3.89 -5.24
C ALA C 88 25.70 3.86 -6.74
N LEU C 89 24.47 3.45 -7.04
CA LEU C 89 23.95 3.56 -8.41
C LEU C 89 23.75 5.07 -8.68
N PRO C 90 24.34 5.60 -9.77
CA PRO C 90 24.21 7.02 -9.89
C PRO C 90 22.77 7.41 -10.17
N PRO C 91 22.37 8.60 -9.73
CA PRO C 91 20.97 9.01 -9.93
C PRO C 91 20.45 9.15 -11.37
N THR C 92 21.34 9.33 -12.33
CA THR C 92 20.96 9.32 -13.75
C THR C 92 20.83 7.90 -14.36
N ALA C 93 21.13 6.86 -13.60
CA ALA C 93 21.07 5.52 -14.14
C ALA C 93 19.86 4.77 -13.62
N GLU C 94 19.14 4.11 -14.51
CA GLU C 94 18.05 3.23 -14.14
C GLU C 94 18.59 1.91 -13.58
N LYS C 95 19.56 1.34 -14.28
CA LYS C 95 20.20 0.12 -13.85
C LYS C 95 21.46 -0.13 -14.69
N ILE C 96 22.34 -0.97 -14.17
CA ILE C 96 23.52 -1.33 -14.86
C ILE C 96 23.62 -2.83 -14.97
N THR C 97 23.60 -3.37 -16.18
CA THR C 97 23.52 -4.81 -16.39
C THR C 97 24.87 -5.41 -16.72
N PHE C 98 25.22 -6.50 -16.03
CA PHE C 98 26.49 -7.20 -16.25
C PHE C 98 26.20 -8.60 -16.73
N GLU C 99 26.62 -8.90 -17.93
CA GLU C 99 26.35 -10.23 -18.48
C GLU C 99 27.68 -10.95 -18.57
N THR C 100 27.69 -12.19 -18.12
CA THR C 100 28.84 -13.04 -18.30
C THR C 100 28.48 -14.33 -19.01
N LYS C 101 29.17 -14.59 -20.10
CA LYS C 101 28.91 -15.77 -20.90
C LYS C 101 30.25 -16.46 -21.12
N LEU C 102 30.31 -17.77 -20.97
CA LEU C 102 31.54 -18.51 -21.16
C LEU C 102 31.50 -19.38 -22.42
N VAL C 103 32.56 -19.31 -23.20
CA VAL C 103 32.69 -20.11 -24.40
C VAL C 103 33.98 -20.90 -24.26
N GLU C 104 34.13 -21.97 -25.03
CA GLU C 104 35.37 -22.75 -25.03
C GLU C 104 36.62 -22.00 -25.51
N GLY C 105 37.72 -22.27 -24.82
CA GLY C 105 39.02 -21.73 -25.19
C GLY C 105 39.69 -22.60 -26.24
N PRO C 106 40.58 -22.00 -27.07
CA PRO C 106 41.26 -22.84 -28.07
C PRO C 106 42.08 -24.02 -27.49
N ASN C 107 42.63 -23.87 -26.28
CA ASN C 107 43.44 -24.95 -25.63
C ASN C 107 42.84 -25.56 -24.35
N GLY C 108 41.55 -25.84 -24.38
CA GLY C 108 40.83 -26.39 -23.23
C GLY C 108 40.42 -25.37 -22.15
N GLY C 109 40.74 -24.09 -22.36
CA GLY C 109 40.35 -23.04 -21.40
C GLY C 109 39.03 -22.40 -21.81
N SER C 110 38.77 -21.19 -21.33
CA SER C 110 37.53 -20.48 -21.65
C SER C 110 37.80 -19.07 -22.10
N ILE C 111 36.82 -18.50 -22.80
CA ILE C 111 36.76 -17.07 -23.10
C ILE C 111 35.53 -16.56 -22.38
N GLY C 112 35.69 -15.58 -21.52
CA GLY C 112 34.57 -14.98 -20.81
C GLY C 112 34.12 -13.79 -21.62
N LYS C 113 32.88 -13.78 -22.03
CA LYS C 113 32.34 -12.69 -22.82
C LYS C 113 31.56 -11.86 -21.85
N LEU C 114 32.05 -10.66 -21.61
CA LEU C 114 31.41 -9.76 -20.66
C LEU C 114 30.74 -8.65 -21.40
N THR C 115 29.48 -8.41 -21.05
CA THR C 115 28.70 -7.36 -21.65
C THR C 115 28.24 -6.45 -20.56
N LEU C 116 28.47 -5.16 -20.77
CA LEU C 116 28.09 -4.15 -19.83
C LEU C 116 27.04 -3.28 -20.50
N LYS C 117 25.85 -3.22 -19.93
CA LYS C 117 24.79 -2.41 -20.48
C LYS C 117 24.34 -1.40 -19.48
N TYR C 118 24.52 -0.15 -19.80
CA TYR C 118 24.21 0.91 -18.91
C TYR C 118 22.89 1.55 -19.32
N HIS C 119 21.89 1.51 -18.43
CA HIS C 119 20.57 2.06 -18.74
C HIS C 119 20.48 3.43 -18.09
N THR C 120 20.29 4.47 -18.89
CA THR C 120 20.17 5.83 -18.39
C THR C 120 18.77 6.32 -18.36
N LYS C 121 18.58 7.36 -17.56
CA LYS C 121 17.27 8.00 -17.49
C LYS C 121 17.21 9.06 -18.55
N GLY C 122 16.28 8.91 -19.47
CA GLY C 122 16.09 9.87 -20.51
C GLY C 122 17.23 10.00 -21.50
N ASP C 123 17.70 11.24 -21.67
CA ASP C 123 18.75 11.60 -22.64
C ASP C 123 20.11 11.59 -21.99
N ALA C 124 20.17 11.31 -20.71
CA ALA C 124 21.45 11.26 -20.00
C ALA C 124 22.41 10.22 -20.64
N LYS C 125 23.69 10.46 -20.49
CA LYS C 125 24.73 9.62 -21.05
C LYS C 125 25.63 9.16 -19.92
N PRO C 126 26.19 7.91 -20.04
CA PRO C 126 27.02 7.53 -18.90
C PRO C 126 28.36 8.26 -18.89
N ASP C 127 28.84 8.50 -17.70
CA ASP C 127 30.12 9.13 -17.47
C ASP C 127 31.30 8.23 -17.84
N GLU C 128 32.43 8.83 -18.15
CA GLU C 128 33.66 8.10 -18.47
C GLU C 128 34.06 7.29 -17.27
N GLU C 129 33.78 7.84 -16.09
CA GLU C 129 34.07 7.16 -14.84
C GLU C 129 33.28 5.86 -14.70
N GLU C 130 32.04 5.87 -15.15
CA GLU C 130 31.18 4.71 -15.09
C GLU C 130 31.67 3.55 -15.92
N LEU C 131 32.20 3.83 -17.11
CA LEU C 131 32.77 2.78 -17.92
C LEU C 131 33.94 2.09 -17.19
N LYS C 132 34.81 2.87 -16.64
CA LYS C 132 35.96 2.37 -15.93
C LYS C 132 35.57 1.51 -14.73
N LYS C 133 34.66 2.01 -13.95
CA LYS C 133 34.14 1.21 -12.81
C LYS C 133 33.40 -0.04 -13.24
N GLY C 134 32.61 0.08 -14.29
CA GLY C 134 31.87 -1.06 -14.78
C GLY C 134 32.78 -2.12 -15.32
N LYS C 135 33.80 -1.72 -16.06
CA LYS C 135 34.77 -2.70 -16.56
C LYS C 135 35.47 -3.44 -15.41
N ALA C 136 35.83 -2.70 -14.39
CA ALA C 136 36.53 -3.28 -13.27
C ALA C 136 35.64 -4.25 -12.48
N LYS C 137 34.38 -3.92 -12.34
CA LYS C 137 33.46 -4.78 -11.61
C LYS C 137 33.24 -6.12 -12.31
N GLY C 138 33.05 -6.09 -13.62
CA GLY C 138 32.84 -7.33 -14.37
C GLY C 138 34.11 -8.20 -14.38
N GLU C 139 35.26 -7.56 -14.53
CA GLU C 139 36.50 -8.29 -14.53
C GLU C 139 36.78 -8.88 -13.18
N GLY C 140 36.44 -8.12 -12.14
CA GLY C 140 36.67 -8.53 -10.78
C GLY C 140 35.93 -9.80 -10.42
N LEU C 141 34.67 -9.88 -10.78
CA LEU C 141 33.87 -11.06 -10.45
C LEU C 141 34.45 -12.25 -11.18
N PHE C 142 34.82 -12.07 -12.45
CA PHE C 142 35.34 -13.17 -13.21
C PHE C 142 36.67 -13.68 -12.62
N ARG C 143 37.54 -12.76 -12.27
CA ARG C 143 38.83 -13.13 -11.67
C ARG C 143 38.67 -13.78 -10.31
N ALA C 144 37.69 -13.34 -9.56
CA ALA C 144 37.45 -13.90 -8.25
C ALA C 144 37.08 -15.37 -8.33
N ILE C 145 36.16 -15.67 -9.23
CA ILE C 145 35.71 -17.01 -9.39
C ILE C 145 36.84 -17.87 -9.97
N GLU C 146 37.55 -17.36 -10.96
CA GLU C 146 38.64 -18.08 -11.56
C GLU C 146 39.71 -18.36 -10.49
N GLY C 147 40.01 -17.35 -9.68
CA GLY C 147 41.03 -17.48 -8.67
C GLY C 147 40.68 -18.50 -7.64
N TYR C 148 39.42 -18.55 -7.26
CA TYR C 148 39.02 -19.52 -6.27
C TYR C 148 39.17 -20.92 -6.86
N VAL C 149 38.79 -21.11 -8.11
CA VAL C 149 38.91 -22.43 -8.73
C VAL C 149 40.36 -22.92 -8.83
N LEU C 150 41.25 -22.03 -9.25
CA LEU C 150 42.64 -22.39 -9.42
C LEU C 150 43.30 -22.65 -8.09
N ALA C 151 42.89 -21.91 -7.08
CA ALA C 151 43.45 -22.05 -5.76
C ALA C 151 42.88 -23.25 -4.98
N ASN C 152 41.69 -23.71 -5.31
CA ASN C 152 41.11 -24.88 -4.68
C ASN C 152 40.80 -25.88 -5.80
N PRO C 153 41.83 -26.55 -6.36
CA PRO C 153 41.54 -27.40 -7.55
C PRO C 153 40.60 -28.58 -7.35
N THR C 154 40.51 -29.13 -6.15
CA THR C 154 39.62 -30.29 -5.95
C THR C 154 38.12 -29.97 -5.95
N GLN C 155 37.74 -28.71 -5.83
CA GLN C 155 36.33 -28.36 -5.64
C GLN C 155 35.35 -28.44 -6.79
N TYR C 156 35.79 -28.25 -8.02
CA TYR C 156 34.88 -28.26 -9.14
C TYR C 156 35.46 -28.97 -10.39
N GLY D 1 -2.27 10.96 21.17
CA GLY D 1 -1.25 10.29 20.36
C GLY D 1 -0.36 11.30 19.69
N VAL D 2 0.38 10.83 18.69
CA VAL D 2 1.34 11.68 17.97
C VAL D 2 1.25 11.54 16.46
N PHE D 3 1.15 12.67 15.80
CA PHE D 3 0.97 12.73 14.36
C PHE D 3 2.11 13.51 13.76
N THR D 4 2.74 12.95 12.72
CA THR D 4 3.98 13.49 12.17
C THR D 4 3.89 13.89 10.71
N PHE D 5 4.45 15.05 10.35
CA PHE D 5 4.53 15.55 8.94
C PHE D 5 5.93 16.08 8.72
N GLU D 6 6.56 15.66 7.64
CA GLU D 6 7.94 16.06 7.33
C GLU D 6 7.91 16.95 6.12
N ASP D 7 8.75 17.96 6.12
CA ASP D 7 8.74 18.95 5.07
C ASP D 7 10.18 19.37 4.80
N GLU D 8 10.45 19.85 3.62
CA GLU D 8 11.80 20.20 3.26
C GLU D 8 11.87 21.52 2.53
N ILE D 9 12.86 22.32 2.86
CA ILE D 9 12.98 23.63 2.27
C ILE D 9 14.43 23.98 1.99
N THR D 10 14.70 24.72 0.93
CA THR D 10 16.10 24.93 0.46
C THR D 10 16.48 26.37 0.66
N SER D 11 17.76 26.59 0.87
CA SER D 11 18.29 27.93 0.97
C SER D 11 19.68 28.00 0.38
N THR D 12 19.98 29.20 -0.05
CA THR D 12 21.28 29.60 -0.48
C THR D 12 22.28 29.74 0.67
N VAL D 13 21.79 30.03 1.86
CA VAL D 13 22.66 30.33 3.00
C VAL D 13 23.26 29.02 3.54
N PRO D 14 24.59 28.99 3.81
CA PRO D 14 25.14 27.74 4.33
C PRO D 14 24.63 27.41 5.72
N PRO D 15 24.60 26.12 6.07
CA PRO D 15 23.88 25.73 7.30
C PRO D 15 24.40 26.31 8.59
N ALA D 16 25.71 26.38 8.77
CA ALA D 16 26.26 26.96 10.00
C ALA D 16 25.79 28.40 10.19
N LYS D 17 25.76 29.15 9.11
CA LYS D 17 25.32 30.54 9.17
C LYS D 17 23.86 30.68 9.50
N LEU D 18 23.02 29.85 8.88
CA LEU D 18 21.55 29.90 9.16
C LEU D 18 21.21 29.49 10.58
N TYR D 19 21.88 28.45 11.04
CA TYR D 19 21.71 27.94 12.37
C TYR D 19 22.02 29.01 13.39
N ASN D 20 23.09 29.74 13.13
CA ASN D 20 23.51 30.75 14.04
C ASN D 20 22.41 31.77 14.16
N ALA D 21 21.78 32.08 13.04
CA ALA D 21 20.70 33.04 13.02
C ALA D 21 19.42 32.53 13.66
N MET D 22 19.11 31.26 13.50
CA MET D 22 17.95 30.67 14.13
C MET D 22 17.98 30.81 15.64
N LYS D 23 19.16 30.72 16.22
CA LYS D 23 19.30 30.86 17.67
C LYS D 23 18.91 32.25 18.12
N ASP D 24 18.94 33.22 17.21
CA ASP D 24 18.49 34.59 17.51
C ASP D 24 17.08 34.92 17.04
N ALA D 25 16.27 33.90 16.87
CA ALA D 25 14.87 34.08 16.43
C ALA D 25 14.10 35.02 17.34
N ASP D 26 14.39 35.01 18.65
CA ASP D 26 13.72 35.91 19.60
C ASP D 26 13.86 37.37 19.22
N SER D 27 15.02 37.77 18.70
CA SER D 27 15.21 39.19 18.32
C SER D 27 14.97 39.49 16.85
N ILE D 28 15.26 38.52 16.00
CA ILE D 28 15.06 38.68 14.54
C ILE D 28 13.59 38.73 14.19
N THR D 29 12.87 37.79 14.73
CA THR D 29 11.47 37.53 14.39
C THR D 29 10.55 38.79 14.51
N PRO D 30 10.64 39.58 15.62
CA PRO D 30 9.75 40.72 15.68
C PRO D 30 10.01 41.77 14.59
N LYS D 31 11.27 42.01 14.27
CA LYS D 31 11.57 42.98 13.24
C LYS D 31 11.11 42.49 11.85
N ILE D 32 11.44 41.25 11.55
CA ILE D 32 11.13 40.62 10.27
C ILE D 32 9.67 40.31 10.00
N ILE D 33 8.95 39.86 11.02
CA ILE D 33 7.55 39.51 10.86
C ILE D 33 6.69 40.64 11.38
N ASP D 34 5.74 41.11 10.59
CA ASP D 34 4.94 42.22 11.00
C ASP D 34 4.18 41.93 12.25
N ASP D 35 3.45 40.83 12.19
CA ASP D 35 2.50 40.48 13.21
C ASP D 35 3.16 40.09 14.54
N VAL D 36 4.39 39.61 14.52
CA VAL D 36 5.08 39.28 15.76
C VAL D 36 5.59 40.57 16.38
N LYS D 37 5.15 40.89 17.59
CA LYS D 37 5.57 42.15 18.28
C LYS D 37 6.71 41.94 19.29
N SER D 38 6.69 40.82 19.99
CA SER D 38 7.75 40.55 20.96
C SER D 38 7.86 39.09 21.29
N VAL D 39 9.03 38.72 21.80
CA VAL D 39 9.29 37.39 22.26
C VAL D 39 10.00 37.58 23.60
N GLU D 40 9.42 37.06 24.66
CA GLU D 40 9.96 37.27 26.01
C GLU D 40 10.14 35.96 26.77
N ILE D 41 11.15 35.90 27.61
CA ILE D 41 11.43 34.71 28.36
C ILE D 41 10.62 34.72 29.64
N VAL D 42 9.65 33.83 29.73
CA VAL D 42 8.87 33.69 30.92
C VAL D 42 9.69 33.04 32.00
N GLU D 43 10.38 32.00 31.65
CA GLU D 43 11.15 31.29 32.62
C GLU D 43 12.19 30.43 31.96
N GLY D 44 13.37 30.34 32.55
CA GLY D 44 14.41 29.50 32.00
C GLY D 44 15.54 30.37 31.49
N ASN D 45 16.62 29.72 31.11
CA ASN D 45 17.82 30.40 30.68
C ASN D 45 18.15 30.36 29.19
N GLY D 46 17.16 30.05 28.37
CA GLY D 46 17.32 29.96 26.94
C GLY D 46 17.55 28.55 26.44
N GLY D 47 17.92 27.67 27.33
CA GLY D 47 18.14 26.28 26.95
C GLY D 47 16.88 25.44 27.04
N PRO D 48 17.02 24.12 26.89
CA PRO D 48 15.84 23.30 26.99
C PRO D 48 15.04 23.46 28.28
N GLY D 49 13.72 23.54 28.14
CA GLY D 49 12.79 23.72 29.27
C GLY D 49 12.32 25.16 29.35
N THR D 50 13.05 26.06 28.70
CA THR D 50 12.75 27.46 28.70
C THR D 50 11.40 27.71 28.07
N ILE D 51 10.62 28.60 28.69
CA ILE D 51 9.31 28.96 28.23
C ILE D 51 9.34 30.40 27.72
N LYS D 52 8.86 30.61 26.50
CA LYS D 52 8.86 31.90 25.87
C LYS D 52 7.44 32.31 25.60
N LYS D 53 7.19 33.60 25.68
CA LYS D 53 5.88 34.11 25.38
C LYS D 53 6.00 34.98 24.18
N LEU D 54 5.23 34.66 23.16
CA LEU D 54 5.19 35.46 21.95
C LEU D 54 3.92 36.27 21.93
N THR D 55 4.06 37.56 21.69
CA THR D 55 2.91 38.41 21.52
C THR D 55 2.75 38.68 20.01
N ILE D 56 1.56 38.40 19.51
CA ILE D 56 1.23 38.49 18.10
C ILE D 56 -0.08 39.26 17.95
N VAL D 57 -0.25 39.87 16.78
CA VAL D 57 -1.52 40.54 16.47
C VAL D 57 -2.08 40.01 15.17
N GLU D 58 -3.25 39.41 15.24
CA GLU D 58 -3.93 38.91 14.06
C GLU D 58 -5.24 39.65 14.01
N ASP D 59 -5.62 40.09 12.83
CA ASP D 59 -6.86 40.83 12.72
C ASP D 59 -6.70 42.05 13.59
N GLY D 60 -5.48 42.54 13.71
CA GLY D 60 -5.21 43.68 14.55
C GLY D 60 -5.65 43.32 15.94
N GLU D 61 -5.66 42.04 16.24
CA GLU D 61 -6.06 41.58 17.56
C GLU D 61 -4.88 40.89 18.22
N THR D 62 -4.52 41.38 19.38
CA THR D 62 -3.42 40.83 20.14
C THR D 62 -3.68 39.39 20.55
N LYS D 63 -2.65 38.60 20.55
CA LYS D 63 -2.71 37.23 20.96
C LYS D 63 -1.40 36.74 21.58
N PHE D 64 -1.49 35.77 22.46
CA PHE D 64 -0.29 35.25 23.10
C PHE D 64 -0.08 33.81 22.70
N ILE D 65 1.16 33.46 22.49
CA ILE D 65 1.53 32.10 22.20
C ILE D 65 2.68 31.71 23.11
N LEU D 66 2.70 30.48 23.57
CA LEU D 66 3.75 30.01 24.42
C LEU D 66 4.56 28.90 23.81
N HIS D 67 5.87 29.07 23.82
CA HIS D 67 6.78 28.07 23.28
C HIS D 67 7.67 27.49 24.36
N LYS D 68 7.91 26.21 24.27
CA LYS D 68 8.84 25.56 25.15
C LYS D 68 10.01 25.13 24.29
N VAL D 69 11.22 25.51 24.67
CA VAL D 69 12.42 25.06 23.99
C VAL D 69 12.58 23.59 24.28
N GLU D 70 12.73 22.79 23.23
CA GLU D 70 12.94 21.36 23.38
C GLU D 70 14.38 20.94 23.30
N SER D 71 15.09 21.47 22.32
CA SER D 71 16.50 21.18 22.19
C SER D 71 17.16 22.10 21.20
N ILE D 72 18.43 22.32 21.43
CA ILE D 72 19.24 23.19 20.61
C ILE D 72 20.52 22.37 20.45
N ASP D 73 20.65 21.71 19.31
CA ASP D 73 21.70 20.79 19.06
C ASP D 73 22.67 21.36 18.06
N GLU D 74 23.83 21.82 18.53
CA GLU D 74 24.86 22.34 17.65
C GLU D 74 25.39 21.30 16.65
N ALA D 75 25.53 20.07 17.13
CA ALA D 75 26.09 19.02 16.29
C ALA D 75 25.23 18.73 15.04
N ASN D 76 23.92 18.90 15.15
CA ASN D 76 23.03 18.70 14.00
C ASN D 76 22.41 19.92 13.45
N TYR D 77 22.86 21.07 13.88
CA TYR D 77 22.24 22.31 13.45
C TYR D 77 20.72 22.31 13.67
N ALA D 78 20.28 21.91 14.86
CA ALA D 78 18.86 21.78 15.14
C ALA D 78 18.34 22.74 16.19
N TYR D 79 17.21 23.36 15.92
CA TYR D 79 16.54 24.20 16.86
C TYR D 79 15.10 23.66 16.93
N ASN D 80 14.72 23.12 18.08
CA ASN D 80 13.40 22.52 18.27
C ASN D 80 12.63 23.15 19.42
N TYR D 81 11.36 23.43 19.17
CA TYR D 81 10.52 24.00 20.18
C TYR D 81 9.08 23.50 20.05
N SER D 82 8.31 23.60 21.11
CA SER D 82 6.89 23.21 21.03
C SER D 82 5.97 24.34 21.37
N VAL D 83 4.82 24.41 20.73
CA VAL D 83 3.79 25.36 21.13
C VAL D 83 3.05 24.69 22.26
N VAL D 84 3.01 25.31 23.41
CA VAL D 84 2.45 24.70 24.60
C VAL D 84 1.37 25.50 25.28
N GLY D 85 0.90 26.53 24.65
CA GLY D 85 -0.16 27.27 25.25
C GLY D 85 -0.37 28.55 24.55
N GLY D 86 -1.06 29.41 25.25
CA GLY D 86 -1.47 30.67 24.73
C GLY D 86 -2.94 30.51 24.53
N VAL D 87 -3.51 31.41 23.75
CA VAL D 87 -4.92 31.38 23.41
C VAL D 87 -5.11 30.75 22.04
N ALA D 88 -4.01 30.44 21.39
CA ALA D 88 -4.01 29.88 20.03
C ALA D 88 -3.72 28.39 19.95
N LEU D 89 -3.74 27.66 21.05
CA LEU D 89 -3.46 26.22 20.98
C LEU D 89 -4.78 25.46 21.10
N PRO D 90 -5.05 24.53 20.20
CA PRO D 90 -6.34 23.81 20.27
C PRO D 90 -6.55 23.05 21.58
N PRO D 91 -7.76 23.04 22.12
CA PRO D 91 -8.03 22.37 23.40
C PRO D 91 -7.70 20.89 23.42
N THR D 92 -7.94 20.21 22.32
CA THR D 92 -7.64 18.78 22.20
C THR D 92 -6.15 18.47 22.23
N ALA D 93 -5.35 19.34 21.66
CA ALA D 93 -3.88 19.15 21.60
C ALA D 93 -3.08 19.50 22.87
N GLU D 94 -2.21 18.58 23.23
CA GLU D 94 -1.28 18.71 24.35
C GLU D 94 -0.19 19.73 24.00
N LYS D 95 0.39 19.54 22.83
CA LYS D 95 1.44 20.44 22.31
C LYS D 95 1.74 20.19 20.84
N ILE D 96 2.30 21.18 20.18
CA ILE D 96 2.70 21.02 18.79
C ILE D 96 4.19 21.29 18.70
N THR D 97 4.95 20.32 18.23
CA THR D 97 6.39 20.45 18.17
C THR D 97 6.89 20.80 16.76
N PHE D 98 7.74 21.82 16.67
CA PHE D 98 8.37 22.22 15.45
C PHE D 98 9.87 21.98 15.49
N GLU D 99 10.38 21.11 14.62
CA GLU D 99 11.78 20.79 14.62
C GLU D 99 12.36 21.26 13.34
N THR D 100 13.51 21.91 13.44
CA THR D 100 14.20 22.37 12.29
C THR D 100 15.63 21.88 12.34
N LYS D 101 16.08 21.27 11.25
CA LYS D 101 17.37 20.64 11.18
C LYS D 101 17.94 21.08 9.87
N LEU D 102 19.16 21.53 9.88
CA LEU D 102 19.80 22.00 8.67
C LEU D 102 20.90 21.05 8.23
N VAL D 103 20.91 20.74 6.95
CA VAL D 103 21.92 19.90 6.35
C VAL D 103 22.56 20.72 5.24
N GLU D 104 23.75 20.31 4.81
CA GLU D 104 24.42 20.98 3.71
C GLU D 104 23.71 20.88 2.37
N GLY D 105 23.78 21.98 1.62
CA GLY D 105 23.20 22.08 0.27
C GLY D 105 24.19 21.67 -0.81
N PRO D 106 23.69 21.26 -1.99
CA PRO D 106 24.62 20.79 -3.03
C PRO D 106 25.58 21.87 -3.52
N ASN D 107 25.12 23.12 -3.54
CA ASN D 107 25.97 24.24 -3.97
C ASN D 107 26.45 25.11 -2.80
N GLY D 108 26.77 24.53 -1.64
CA GLY D 108 27.16 25.34 -0.45
C GLY D 108 25.99 25.99 0.32
N GLY D 109 24.76 25.67 -0.05
CA GLY D 109 23.57 26.21 0.64
C GLY D 109 23.17 25.23 1.71
N SER D 110 21.90 25.29 2.10
CA SER D 110 21.35 24.37 3.07
C SER D 110 20.03 23.78 2.65
N ILE D 111 19.70 22.65 3.25
CA ILE D 111 18.39 22.07 3.15
C ILE D 111 17.87 22.12 4.57
N GLY D 112 16.71 22.73 4.76
CA GLY D 112 16.02 22.73 6.04
C GLY D 112 15.03 21.56 6.13
N LYS D 113 15.21 20.68 7.10
CA LYS D 113 14.35 19.54 7.32
C LYS D 113 13.44 19.94 8.46
N LEU D 114 12.17 20.15 8.13
CA LEU D 114 11.20 20.54 9.11
C LEU D 114 10.36 19.31 9.47
N THR D 115 10.19 19.08 10.74
CA THR D 115 9.43 17.98 11.19
C THR D 115 8.37 18.60 12.06
N LEU D 116 7.12 18.19 11.89
CA LEU D 116 6.06 18.71 12.68
C LEU D 116 5.42 17.59 13.41
N LYS D 117 5.40 17.66 14.74
CA LYS D 117 4.76 16.61 15.49
C LYS D 117 3.61 17.19 16.31
N TYR D 118 2.45 16.62 16.12
CA TYR D 118 1.28 17.07 16.79
C TYR D 118 0.94 16.07 17.88
N HIS D 119 0.91 16.53 19.12
CA HIS D 119 0.59 15.66 20.24
C HIS D 119 -0.85 15.94 20.65
N THR D 120 -1.69 14.92 20.62
CA THR D 120 -3.11 15.07 20.94
C THR D 120 -3.45 14.53 22.29
N LYS D 121 -4.55 15.05 22.81
CA LYS D 121 -4.98 14.82 24.15
C LYS D 121 -5.08 13.31 24.52
N GLY D 122 -5.83 12.52 23.75
CA GLY D 122 -6.01 11.09 24.11
C GLY D 122 -6.00 10.25 22.84
N ASP D 123 -7.19 9.90 22.42
CA ASP D 123 -7.41 9.23 21.13
C ASP D 123 -7.85 10.26 20.13
N ALA D 124 -7.84 11.52 20.53
CA ALA D 124 -8.19 12.62 19.62
C ALA D 124 -7.25 12.66 18.41
N LYS D 125 -7.73 13.25 17.33
CA LYS D 125 -6.99 13.40 16.12
C LYS D 125 -6.88 14.89 15.92
N PRO D 126 -5.87 15.34 15.18
CA PRO D 126 -5.76 16.80 15.00
C PRO D 126 -6.93 17.50 14.34
N ASP D 127 -7.20 18.71 14.82
CA ASP D 127 -8.28 19.53 14.29
C ASP D 127 -8.02 19.65 12.81
N GLU D 128 -9.08 19.94 12.07
CA GLU D 128 -9.01 19.89 10.61
C GLU D 128 -7.97 20.76 9.84
N GLU D 129 -7.79 21.99 10.28
CA GLU D 129 -6.88 22.94 9.63
C GLU D 129 -5.46 22.95 10.20
N GLU D 130 -5.15 22.06 11.13
CA GLU D 130 -3.91 22.19 11.91
C GLU D 130 -2.66 21.88 11.12
N LEU D 131 -2.74 20.87 10.27
CA LEU D 131 -1.64 20.49 9.40
C LEU D 131 -1.27 21.66 8.53
N LYS D 132 -2.26 22.24 7.94
CA LYS D 132 -2.03 23.37 7.05
C LYS D 132 -1.37 24.56 7.77
N LYS D 133 -1.92 24.90 8.91
CA LYS D 133 -1.38 26.01 9.69
C LYS D 133 0.00 25.70 10.19
N GLY D 134 0.18 24.46 10.62
CA GLY D 134 1.45 24.04 11.12
C GLY D 134 2.53 24.07 10.04
N LYS D 135 2.20 23.59 8.86
CA LYS D 135 3.16 23.60 7.80
C LYS D 135 3.54 25.02 7.49
N ALA D 136 2.55 25.89 7.48
CA ALA D 136 2.82 27.29 7.13
C ALA D 136 3.67 27.97 8.19
N LYS D 137 3.45 27.63 9.43
CA LYS D 137 4.20 28.26 10.52
C LYS D 137 5.68 27.93 10.44
N GLY D 138 5.98 26.67 10.23
CA GLY D 138 7.38 26.22 10.15
C GLY D 138 8.12 26.83 8.94
N GLU D 139 7.44 26.89 7.81
CA GLU D 139 8.00 27.52 6.62
C GLU D 139 8.21 29.00 6.80
N GLY D 140 7.26 29.65 7.45
CA GLY D 140 7.38 31.10 7.74
C GLY D 140 8.57 31.50 8.59
N LEU D 141 8.82 30.73 9.64
CA LEU D 141 9.96 31.04 10.52
C LEU D 141 11.23 30.89 9.73
N PHE D 142 11.31 29.84 8.92
CA PHE D 142 12.54 29.55 8.20
C PHE D 142 12.83 30.68 7.23
N ARG D 143 11.80 31.11 6.52
CA ARG D 143 11.98 32.22 5.59
C ARG D 143 12.35 33.53 6.27
N ALA D 144 11.79 33.76 7.45
CA ALA D 144 12.13 34.99 8.20
C ALA D 144 13.61 35.03 8.55
N ILE D 145 14.13 33.93 9.04
CA ILE D 145 15.51 33.87 9.46
C ILE D 145 16.40 34.00 8.24
N GLU D 146 16.03 33.30 7.18
CA GLU D 146 16.82 33.33 5.96
C GLU D 146 16.81 34.74 5.43
N GLY D 147 15.64 35.36 5.47
CA GLY D 147 15.52 36.70 4.95
C GLY D 147 16.40 37.67 5.70
N TYR D 148 16.49 37.50 7.01
CA TYR D 148 17.30 38.43 7.81
C TYR D 148 18.77 38.30 7.45
N VAL D 149 19.20 37.06 7.24
CA VAL D 149 20.60 36.81 6.90
C VAL D 149 20.97 37.40 5.54
N LEU D 150 20.12 37.16 4.55
CA LEU D 150 20.33 37.66 3.20
C LEU D 150 20.28 39.17 3.23
N ALA D 151 19.37 39.69 4.00
CA ALA D 151 19.20 41.11 4.15
C ALA D 151 20.39 41.80 4.80
N ASN D 152 21.03 41.10 5.73
CA ASN D 152 22.18 41.62 6.47
C ASN D 152 23.45 40.80 6.31
N PRO D 153 24.11 40.88 5.16
CA PRO D 153 25.34 40.10 4.96
C PRO D 153 26.47 40.43 5.92
N THR D 154 26.63 41.69 6.26
CA THR D 154 27.74 42.12 7.13
C THR D 154 27.72 41.52 8.53
N GLN D 155 26.53 41.37 9.09
CA GLN D 155 26.41 40.82 10.44
C GLN D 155 27.02 39.42 10.60
N TYR D 156 26.88 38.60 9.58
CA TYR D 156 27.43 37.24 9.61
C TYR D 156 28.66 37.14 8.73
N GLY E 1 -14.50 11.21 24.44
CA GLY E 1 -15.44 11.04 25.59
C GLY E 1 -16.24 9.75 25.43
N VAL E 2 -16.84 9.28 26.54
CA VAL E 2 -17.56 8.00 26.55
C VAL E 2 -18.92 8.10 27.24
N PHE E 3 -19.94 7.60 26.54
CA PHE E 3 -21.31 7.64 27.02
C PHE E 3 -21.85 6.24 27.09
N THR E 4 -22.41 5.90 28.23
CA THR E 4 -22.71 4.51 28.57
C THR E 4 -24.19 4.35 28.87
N PHE E 5 -24.81 3.32 28.33
CA PHE E 5 -26.18 3.00 28.57
C PHE E 5 -26.27 1.54 28.91
N GLU E 6 -26.96 1.18 29.97
CA GLU E 6 -27.08 -0.19 30.38
C GLU E 6 -28.52 -0.65 30.20
N ASP E 7 -28.68 -1.89 29.79
CA ASP E 7 -29.98 -2.41 29.50
C ASP E 7 -29.95 -3.81 29.97
N GLU E 8 -31.11 -4.35 30.26
CA GLU E 8 -31.24 -5.68 30.78
C GLU E 8 -32.44 -6.39 30.15
N ILE E 9 -32.24 -7.65 29.80
CA ILE E 9 -33.31 -8.43 29.27
C ILE E 9 -33.30 -9.75 29.92
N THR E 10 -34.49 -10.30 30.13
CA THR E 10 -34.70 -11.55 30.77
C THR E 10 -35.19 -12.57 29.81
N SER E 11 -34.70 -13.77 29.92
CA SER E 11 -35.08 -14.81 29.00
C SER E 11 -35.23 -16.08 29.74
N THR E 12 -36.09 -16.90 29.19
CA THR E 12 -36.31 -18.26 29.63
C THR E 12 -35.18 -19.22 29.29
N VAL E 13 -34.46 -18.88 28.23
CA VAL E 13 -33.47 -19.77 27.65
C VAL E 13 -32.25 -19.76 28.55
N PRO E 14 -31.65 -20.92 28.83
CA PRO E 14 -30.46 -20.97 29.67
C PRO E 14 -29.34 -20.19 28.99
N PRO E 15 -28.47 -19.57 29.77
CA PRO E 15 -27.41 -18.75 29.19
C PRO E 15 -26.47 -19.48 28.23
N ALA E 16 -26.08 -20.69 28.56
CA ALA E 16 -25.18 -21.44 27.69
C ALA E 16 -25.81 -21.69 26.33
N LYS E 17 -27.08 -22.06 26.33
CA LYS E 17 -27.79 -22.33 25.08
C LYS E 17 -27.91 -21.08 24.23
N LEU E 18 -28.21 -19.97 24.88
CA LEU E 18 -28.35 -18.69 24.20
C LEU E 18 -27.00 -18.28 23.61
N TYR E 19 -25.95 -18.51 24.37
CA TYR E 19 -24.64 -18.15 23.94
C TYR E 19 -24.19 -18.92 22.69
N ASN E 20 -24.49 -20.21 22.64
CA ASN E 20 -24.19 -20.99 21.42
C ASN E 20 -24.92 -20.47 20.19
N ALA E 21 -26.17 -20.08 20.36
CA ALA E 21 -26.94 -19.57 19.26
C ALA E 21 -26.39 -18.25 18.76
N MET E 22 -25.86 -17.45 19.69
CA MET E 22 -25.30 -16.13 19.33
C MET E 22 -24.16 -16.26 18.36
N LYS E 23 -23.43 -17.34 18.49
CA LYS E 23 -22.32 -17.59 17.60
C LYS E 23 -22.82 -17.73 16.18
N ASP E 24 -24.09 -18.06 16.02
CA ASP E 24 -24.65 -18.18 14.68
C ASP E 24 -25.48 -17.00 14.23
N ALA E 25 -25.22 -15.86 14.85
CA ALA E 25 -25.96 -14.65 14.55
C ALA E 25 -25.91 -14.28 13.09
N ASP E 26 -24.79 -14.58 12.43
CA ASP E 26 -24.65 -14.27 11.04
C ASP E 26 -25.69 -14.97 10.17
N SER E 27 -26.07 -16.19 10.49
CA SER E 27 -27.10 -16.85 9.69
C SER E 27 -28.53 -16.69 10.23
N ILE E 28 -28.68 -16.63 11.55
CA ILE E 28 -29.97 -16.48 12.20
C ILE E 28 -30.60 -15.12 11.91
N THR E 29 -29.83 -14.10 12.13
CA THR E 29 -30.28 -12.74 12.09
C THR E 29 -30.96 -12.35 10.76
N PRO E 30 -30.37 -12.75 9.61
CA PRO E 30 -31.12 -12.32 8.40
C PRO E 30 -32.53 -12.97 8.25
N LYS E 31 -32.68 -14.18 8.74
CA LYS E 31 -33.99 -14.86 8.71
C LYS E 31 -35.03 -14.17 9.59
N ILE E 32 -34.66 -13.85 10.81
CA ILE E 32 -35.61 -13.31 11.79
C ILE E 32 -35.92 -11.80 11.61
N ILE E 33 -34.89 -11.00 11.37
CA ILE E 33 -35.03 -9.53 11.32
C ILE E 33 -35.20 -9.12 9.89
N ASP E 34 -36.32 -8.48 9.58
CA ASP E 34 -36.64 -8.16 8.20
C ASP E 34 -35.62 -7.28 7.52
N ASP E 35 -35.29 -6.22 8.21
CA ASP E 35 -34.38 -5.25 7.68
C ASP E 35 -32.93 -5.76 7.48
N VAL E 36 -32.49 -6.78 8.20
CA VAL E 36 -31.19 -7.37 7.96
C VAL E 36 -31.25 -8.30 6.78
N LYS E 37 -30.45 -8.06 5.73
CA LYS E 37 -30.46 -8.97 4.54
C LYS E 37 -29.34 -10.00 4.53
N SER E 38 -28.18 -9.61 5.04
CA SER E 38 -27.02 -10.52 5.04
C SER E 38 -25.97 -10.09 6.02
N VAL E 39 -25.15 -11.04 6.42
CA VAL E 39 -24.02 -10.80 7.32
C VAL E 39 -22.94 -11.63 6.70
N GLU E 40 -21.88 -10.96 6.31
CA GLU E 40 -20.78 -11.59 5.65
C GLU E 40 -19.58 -11.45 6.62
N ILE E 41 -18.77 -12.50 6.73
CA ILE E 41 -17.47 -12.39 7.36
C ILE E 41 -16.50 -11.86 6.33
N VAL E 42 -16.07 -10.63 6.51
CA VAL E 42 -15.09 -10.04 5.62
C VAL E 42 -13.71 -10.66 5.87
N GLU E 43 -13.34 -10.82 7.12
CA GLU E 43 -12.04 -11.37 7.45
C GLU E 43 -12.01 -11.88 8.88
N GLY E 44 -11.12 -12.84 9.14
CA GLY E 44 -11.02 -13.50 10.44
C GLY E 44 -11.92 -14.73 10.54
N ASN E 45 -11.83 -15.40 11.67
CA ASN E 45 -12.42 -16.73 11.90
C ASN E 45 -13.58 -16.73 12.88
N GLY E 46 -14.17 -15.58 13.12
CA GLY E 46 -15.23 -15.44 14.11
C GLY E 46 -14.74 -14.97 15.48
N GLY E 47 -13.44 -15.07 15.73
CA GLY E 47 -12.87 -14.63 17.01
C GLY E 47 -12.47 -13.15 16.98
N PRO E 48 -11.85 -12.66 18.08
CA PRO E 48 -11.54 -11.23 18.11
C PRO E 48 -10.69 -10.75 16.95
N GLY E 49 -11.05 -9.57 16.45
CA GLY E 49 -10.39 -8.99 15.27
C GLY E 49 -11.17 -9.27 14.01
N THR E 50 -12.07 -10.25 14.06
CA THR E 50 -12.96 -10.56 12.94
C THR E 50 -13.82 -9.36 12.55
N ILE E 51 -13.96 -9.16 11.25
CA ILE E 51 -14.74 -8.06 10.71
C ILE E 51 -15.93 -8.66 9.99
N LYS E 52 -17.11 -8.14 10.30
CA LYS E 52 -18.36 -8.60 9.68
C LYS E 52 -19.03 -7.46 8.97
N LYS E 53 -19.66 -7.77 7.85
CA LYS E 53 -20.33 -6.76 7.07
C LYS E 53 -21.80 -7.11 7.08
N LEU E 54 -22.61 -6.19 7.57
CA LEU E 54 -24.04 -6.35 7.59
C LEU E 54 -24.67 -5.50 6.53
N THR E 55 -25.53 -6.10 5.75
CA THR E 55 -26.26 -5.34 4.78
C THR E 55 -27.66 -5.20 5.35
N ILE E 56 -28.13 -3.97 5.42
CA ILE E 56 -29.37 -3.61 6.05
C ILE E 56 -30.15 -2.67 5.16
N VAL E 57 -31.44 -2.61 5.36
CA VAL E 57 -32.28 -1.63 4.69
C VAL E 57 -32.92 -0.72 5.73
N GLU E 58 -32.61 0.56 5.68
CA GLU E 58 -33.24 1.58 6.54
C GLU E 58 -33.87 2.63 5.63
N ASP E 59 -35.18 2.87 5.79
CA ASP E 59 -35.85 3.96 5.04
C ASP E 59 -35.82 3.64 3.54
N GLY E 60 -35.98 2.37 3.18
CA GLY E 60 -35.86 1.87 1.81
C GLY E 60 -34.47 1.99 1.18
N GLU E 61 -33.48 2.36 1.99
CA GLU E 61 -32.12 2.59 1.49
C GLU E 61 -31.29 1.42 1.98
N THR E 62 -30.57 0.76 1.07
CA THR E 62 -29.56 -0.23 1.44
C THR E 62 -28.37 0.45 2.10
N LYS E 63 -27.87 -0.12 3.17
CA LYS E 63 -26.70 0.42 3.87
C LYS E 63 -25.80 -0.71 4.32
N PHE E 64 -24.54 -0.40 4.49
CA PHE E 64 -23.60 -1.36 5.02
C PHE E 64 -23.16 -0.92 6.37
N ILE E 65 -22.95 -1.87 7.25
CA ILE E 65 -22.46 -1.58 8.58
C ILE E 65 -21.34 -2.55 8.82
N LEU E 66 -20.30 -2.11 9.48
CA LEU E 66 -19.19 -2.98 9.79
C LEU E 66 -19.02 -3.20 11.28
N HIS E 67 -18.87 -4.46 11.65
CA HIS E 67 -18.71 -4.82 13.03
C HIS E 67 -17.37 -5.50 13.23
N LYS E 68 -16.71 -5.17 14.29
CA LYS E 68 -15.46 -5.78 14.64
C LYS E 68 -15.71 -6.52 15.91
N VAL E 69 -15.37 -7.78 15.93
CA VAL E 69 -15.50 -8.57 17.15
C VAL E 69 -14.41 -8.13 18.10
N GLU E 70 -14.81 -7.77 19.31
CA GLU E 70 -13.87 -7.33 20.33
C GLU E 70 -13.54 -8.55 21.16
N SER E 71 -13.27 -8.36 22.43
CA SER E 71 -13.05 -9.48 23.29
C SER E 71 -14.24 -10.44 23.33
N ILE E 72 -13.92 -11.65 23.78
CA ILE E 72 -14.87 -12.72 24.00
C ILE E 72 -14.47 -13.35 25.34
N ASP E 73 -15.46 -13.84 26.08
CA ASP E 73 -15.21 -14.61 27.30
C ASP E 73 -16.27 -15.75 27.38
N GLU E 74 -15.94 -16.87 26.75
CA GLU E 74 -16.84 -18.03 26.70
C GLU E 74 -17.15 -18.57 28.09
N ALA E 75 -16.20 -18.50 29.02
CA ALA E 75 -16.47 -18.79 30.44
C ALA E 75 -17.57 -17.90 31.05
N ASN E 76 -17.68 -16.67 30.56
CA ASN E 76 -18.61 -15.66 31.06
C ASN E 76 -19.72 -15.32 30.07
N TYR E 77 -19.88 -16.12 29.02
CA TYR E 77 -20.96 -15.98 28.02
C TYR E 77 -21.09 -14.60 27.44
N ALA E 78 -20.07 -14.12 26.77
CA ALA E 78 -20.10 -12.76 26.31
C ALA E 78 -19.72 -12.66 24.86
N TYR E 79 -20.44 -11.83 24.14
CA TYR E 79 -20.05 -11.46 22.80
C TYR E 79 -20.01 -9.95 22.78
N ASN E 80 -18.84 -9.41 22.50
CA ASN E 80 -18.69 -7.98 22.41
C ASN E 80 -18.23 -7.61 21.04
N TYR E 81 -18.84 -6.58 20.46
CA TYR E 81 -18.39 -6.09 19.18
C TYR E 81 -18.46 -4.58 19.10
N SER E 82 -17.76 -3.99 18.15
CA SER E 82 -17.89 -2.55 17.91
C SER E 82 -18.34 -2.28 16.49
N VAL E 83 -19.16 -1.25 16.31
CA VAL E 83 -19.48 -0.76 14.99
C VAL E 83 -18.30 0.09 14.63
N VAL E 84 -17.59 -0.26 13.58
CA VAL E 84 -16.41 0.47 13.16
C VAL E 84 -16.51 0.98 11.73
N GLY E 85 -17.51 0.53 11.01
CA GLY E 85 -17.65 0.90 9.63
C GLY E 85 -19.04 1.18 9.11
N GLY E 86 -19.07 1.74 7.91
CA GLY E 86 -20.32 2.06 7.25
C GLY E 86 -20.64 3.51 7.48
N VAL E 87 -21.43 4.08 6.59
CA VAL E 87 -21.80 5.47 6.71
C VAL E 87 -22.62 5.64 7.97
N ALA E 88 -23.19 4.55 8.45
CA ALA E 88 -24.03 4.58 9.62
C ALA E 88 -23.27 5.13 10.83
N LEU E 89 -22.02 4.73 10.99
CA LEU E 89 -21.24 5.25 12.11
C LEU E 89 -21.12 6.74 11.83
N PRO E 90 -21.37 7.60 12.81
CA PRO E 90 -21.20 9.05 12.43
C PRO E 90 -19.77 9.59 12.55
N PRO E 91 -19.43 10.66 11.80
CA PRO E 91 -18.03 11.08 11.84
C PRO E 91 -17.55 11.58 13.19
N THR E 92 -18.45 12.06 14.02
CA THR E 92 -18.10 12.47 15.39
C THR E 92 -17.88 11.30 16.35
N ALA E 93 -18.10 10.08 15.92
CA ALA E 93 -17.95 8.97 16.84
C ALA E 93 -16.80 8.09 16.48
N GLU E 94 -15.93 7.82 17.45
CA GLU E 94 -14.82 6.96 17.16
C GLU E 94 -15.32 5.55 16.91
N LYS E 95 -16.11 5.06 17.83
CA LYS E 95 -16.68 3.73 17.69
C LYS E 95 -17.80 3.51 18.69
N ILE E 96 -18.67 2.58 18.37
CA ILE E 96 -19.78 2.29 19.22
C ILE E 96 -19.64 0.83 19.59
N THR E 97 -19.57 0.56 20.87
CA THR E 97 -19.37 -0.80 21.36
C THR E 97 -20.61 -1.40 21.99
N PHE E 98 -20.92 -2.62 21.61
CA PHE E 98 -22.09 -3.33 22.11
C PHE E 98 -21.60 -4.53 22.85
N GLU E 99 -21.90 -4.59 24.13
CA GLU E 99 -21.51 -5.73 24.94
C GLU E 99 -22.71 -6.49 25.39
N THR E 100 -22.64 -7.81 25.25
CA THR E 100 -23.69 -8.69 25.70
C THR E 100 -23.08 -9.73 26.59
N LYS E 101 -23.60 -9.82 27.80
CA LYS E 101 -23.12 -10.79 28.77
C LYS E 101 -24.36 -11.52 29.26
N LEU E 102 -24.27 -12.83 29.35
CA LEU E 102 -25.37 -13.64 29.82
C LEU E 102 -25.04 -14.21 31.17
N VAL E 103 -25.94 -13.97 32.10
CA VAL E 103 -25.82 -14.47 33.46
C VAL E 103 -26.99 -15.40 33.69
N GLU E 104 -26.89 -16.27 34.68
CA GLU E 104 -27.98 -17.22 34.97
C GLU E 104 -29.35 -16.57 35.25
N GLY E 108 -35.28 -18.18 36.74
CA GLY E 108 -34.54 -17.21 35.97
C GLY E 108 -33.47 -17.92 35.16
N GLY E 109 -33.84 -18.29 33.95
CA GLY E 109 -32.90 -19.03 33.09
C GLY E 109 -31.68 -18.20 32.70
N SER E 110 -31.88 -16.96 32.28
CA SER E 110 -30.74 -16.10 31.93
C SER E 110 -31.09 -14.64 31.87
N ILE E 111 -30.15 -13.81 32.22
CA ILE E 111 -30.37 -12.37 32.17
C ILE E 111 -29.32 -11.81 31.23
N GLY E 112 -29.76 -11.12 30.21
CA GLY E 112 -28.84 -10.53 29.26
C GLY E 112 -28.48 -9.16 29.77
N LYS E 113 -27.21 -8.93 29.98
CA LYS E 113 -26.72 -7.61 30.38
C LYS E 113 -26.10 -6.95 29.17
N LEU E 114 -26.74 -5.88 28.72
CA LEU E 114 -26.33 -5.21 27.50
C LEU E 114 -25.74 -3.89 27.91
N THR E 115 -24.54 -3.63 27.41
CA THR E 115 -23.86 -2.41 27.69
C THR E 115 -23.49 -1.77 26.40
N LEU E 116 -23.88 -0.53 26.25
CA LEU E 116 -23.60 0.21 25.08
C LEU E 116 -22.70 1.36 25.40
N LYS E 117 -21.57 1.44 24.74
CA LYS E 117 -20.65 2.51 24.99
C LYS E 117 -20.41 3.25 23.73
N TYR E 118 -20.67 4.53 23.77
CA TYR E 118 -20.50 5.35 22.64
C TYR E 118 -19.24 6.20 22.84
N HIS E 119 -18.26 6.04 21.95
CA HIS E 119 -17.00 6.79 22.06
C HIS E 119 -17.02 7.97 21.08
N THR E 120 -16.97 9.20 21.59
CA THR E 120 -17.03 10.41 20.74
C THR E 120 -15.67 11.08 20.58
N LYS E 121 -15.58 11.96 19.59
CA LYS E 121 -14.39 12.85 19.29
C LYS E 121 -13.65 13.46 20.49
N GLY E 122 -14.31 14.36 21.20
CA GLY E 122 -13.66 15.13 22.27
C GLY E 122 -14.64 15.47 23.37
N ASP E 123 -15.19 16.67 23.23
CA ASP E 123 -16.38 17.09 23.96
C ASP E 123 -17.63 16.83 23.15
N ALA E 124 -17.49 16.22 21.97
CA ALA E 124 -18.65 15.91 21.15
C ALA E 124 -19.58 15.00 21.95
N LYS E 125 -20.89 15.18 21.73
CA LYS E 125 -21.95 14.45 22.36
C LYS E 125 -22.50 13.60 21.24
N PRO E 126 -23.08 12.45 21.56
CA PRO E 126 -23.63 11.58 20.52
C PRO E 126 -24.74 12.25 19.71
N ASP E 127 -24.82 11.87 18.44
CA ASP E 127 -25.82 12.37 17.51
C ASP E 127 -27.14 12.05 18.13
N GLU E 128 -28.13 12.84 17.82
CA GLU E 128 -29.40 12.75 18.53
C GLU E 128 -30.13 11.41 18.55
N GLU E 129 -30.08 10.65 17.48
CA GLU E 129 -30.77 9.40 17.42
C GLU E 129 -29.99 8.18 17.81
N GLU E 130 -28.74 8.35 18.15
CA GLU E 130 -27.91 7.22 18.43
C GLU E 130 -28.28 6.36 19.62
N LEU E 131 -28.74 6.94 20.71
CA LEU E 131 -29.11 6.14 21.84
C LEU E 131 -30.28 5.23 21.46
N LYS E 132 -31.29 5.82 20.86
CA LYS E 132 -32.50 5.10 20.50
C LYS E 132 -32.18 3.99 19.52
N LYS E 133 -31.40 4.29 18.50
CA LYS E 133 -31.04 3.28 17.54
C LYS E 133 -30.15 2.27 18.20
N GLY E 134 -29.24 2.72 19.04
CA GLY E 134 -28.35 1.78 19.67
C GLY E 134 -29.09 0.84 20.60
N LYS E 135 -30.03 1.34 21.39
CA LYS E 135 -30.77 0.46 22.28
C LYS E 135 -31.56 -0.57 21.45
N ALA E 136 -32.16 -0.13 20.36
CA ALA E 136 -32.93 -1.02 19.51
C ALA E 136 -32.06 -2.07 18.81
N LYS E 137 -30.87 -1.71 18.39
CA LYS E 137 -29.97 -2.66 17.77
C LYS E 137 -29.56 -3.77 18.71
N GLY E 138 -29.19 -3.45 19.92
CA GLY E 138 -28.76 -4.44 20.91
C GLY E 138 -29.91 -5.33 21.31
N GLU E 139 -31.09 -4.74 21.50
CA GLU E 139 -32.27 -5.51 21.88
C GLU E 139 -32.70 -6.40 20.77
N GLY E 140 -32.59 -5.90 19.55
CA GLY E 140 -32.97 -6.62 18.37
C GLY E 140 -32.18 -7.88 18.17
N LEU E 141 -30.89 -7.80 18.38
CA LEU E 141 -30.05 -8.97 18.20
C LEU E 141 -30.37 -10.01 19.23
N PHE E 142 -30.52 -9.59 20.46
CA PHE E 142 -30.81 -10.52 21.56
C PHE E 142 -32.14 -11.24 21.34
N ARG E 143 -33.17 -10.47 20.97
CA ARG E 143 -34.52 -11.04 20.71
C ARG E 143 -34.52 -11.94 19.54
N ALA E 144 -33.71 -11.61 18.56
CA ALA E 144 -33.65 -12.40 17.37
C ALA E 144 -33.09 -13.76 17.67
N ILE E 145 -32.03 -13.78 18.46
CA ILE E 145 -31.40 -15.03 18.80
C ILE E 145 -32.30 -15.84 19.72
N GLU E 146 -32.90 -15.19 20.70
CA GLU E 146 -33.80 -15.86 21.63
C GLU E 146 -35.02 -16.41 20.91
N GLY E 147 -35.59 -15.60 20.04
CA GLY E 147 -36.70 -16.04 19.22
C GLY E 147 -36.38 -17.28 18.40
N TYR E 148 -35.21 -17.32 17.77
CA TYR E 148 -34.89 -18.43 16.92
C TYR E 148 -34.81 -19.69 17.77
N VAL E 149 -34.21 -19.58 18.94
CA VAL E 149 -34.01 -20.73 19.80
C VAL E 149 -35.35 -21.29 20.28
N LEU E 150 -36.22 -20.40 20.70
CA LEU E 150 -37.56 -20.81 21.19
C LEU E 150 -38.39 -21.43 20.10
N ALA E 151 -38.25 -20.91 18.90
CA ALA E 151 -39.02 -21.37 17.75
C ALA E 151 -38.46 -22.62 17.14
N ASN E 152 -37.19 -22.91 17.38
CA ASN E 152 -36.59 -24.12 16.85
C ASN E 152 -35.91 -24.87 18.00
N PRO E 153 -36.71 -25.52 18.85
CA PRO E 153 -36.21 -26.20 20.05
C PRO E 153 -35.18 -27.30 19.82
N THR E 154 -35.29 -28.06 18.75
CA THR E 154 -34.34 -29.13 18.49
C THR E 154 -32.91 -28.63 18.29
N GLN E 155 -32.77 -27.53 17.58
CA GLN E 155 -31.45 -26.94 17.30
C GLN E 155 -30.83 -26.37 18.57
N TYR E 156 -29.52 -26.48 18.68
CA TYR E 156 -28.79 -26.00 19.84
C TYR E 156 -29.22 -26.73 21.11
#